data_6DT8
#
_entry.id   6DT8
#
_cell.length_a   174.760
_cell.length_b   174.760
_cell.length_c   76.404
_cell.angle_alpha   90.00
_cell.angle_beta   90.00
_cell.angle_gamma   90.00
#
_symmetry.space_group_name_H-M   'I 4'
#
loop_
_entity.id
_entity.type
_entity.pdbx_description
1 polymer RNAP1
2 polymer RNAP2
3 polymer "DNA (5'-D(P*AP*CP*CP*CP*AP*CP*CP*AP*AP*AP*AP*A)-3')"
4 polymer "RNA (5'-R(P*UP*GP*GP*UP*GP*G)-3')"
#
loop_
_entity_poly.entity_id
_entity_poly.type
_entity_poly.pdbx_seq_one_letter_code
_entity_poly.pdbx_strand_id
1 'polypeptide(L)'
;MSTIEHQMHLEKLYNKNQLLPRMRQEFEENSGIDFKAFFAHIGIDYKFGIDAMVQMALHKRADLPTLVGTLRHHCKSAQE
VADNLFKMASEDCFNFDPTIDKFIVIYTISDDVQHELDSFQYPLPMVVRPKLLTKNYGTGYFTCNKSVILKKNHTDDDIC
LDHLNRMNKIPLSINWDVAHMVKNEWANLDKPKEGETRQEFEKRVRAFQKYDRTAHEVMGLLTQEGNKFYLTHRPDKRGR
TYSQGYHVNYQGTSWNKAVLEFAEKEVID
;
A
2 'polypeptide(L)'
;MQTFTAREYLKIDIANNYGLDKEDWDDRIAWFDKNENNLLNLVREAEEPALFYAGVKAWMDVKEGKPIGYPVALDATSSG
LQILACLTGDRRAAELCNVVNYRDESGKVKRRDAYTVIYNKMLNTLGKGARIKRNDCKQAIMTALYGSEAKPKEVFGEGI
MLNVFESTMNVEAPAVWELNKFWLQCGNPEAFVYHWVMPDGFNVYIKVMVNEVETVHFLDKPYDCVRKVQGTEEKTRMLS
ANTTHSIDGLVVRELVRRCDYDKNQIEYIKALCNGEAEYKASEKNYGKAMELWGYYEKTGFLTARIFDYLDSETIKLVNT
QDILDLIESMPKKPFHVLTVHDCFRCLPNYGNDIRRQYNNLLATIAKGDLLSFIMSQVIGQEVTIGKLDPTLWEDVLETE
YALS
;
B
3 'polydeoxyribonucleotide'
;(DA)(DA)(DC)(DC)(DC)(DA)(DC)(DC)(DA)(DA)(DA)(DA)(DA)(DA)(DC)(DG)(DG)(DT)(DC)(DT)
(DG)(DC)(DG)(DA)(DA)(DT)(DC)(DT)(DC)(DT)(DC)(DT)(DG)(DA)(DT)(DT)(DC)(DG)(DC)(DA)
(DG)(DA)(DC)(DC)(DG)(DT)(DT)(DT)(DT)
;
C
4 'polyribonucleotide' AAAAUUUGGUGG D
#
# COMPACT_ATOMS: atom_id res chain seq x y z
N SER A 2 22.35 13.61 21.34
CA SER A 2 21.98 12.45 22.14
C SER A 2 20.92 11.65 21.44
N THR A 3 19.87 12.32 20.98
CA THR A 3 18.96 11.59 20.10
C THR A 3 19.54 11.47 18.71
N ILE A 4 20.19 12.54 18.22
CA ILE A 4 20.97 12.42 17.00
C ILE A 4 21.96 11.27 17.12
N GLU A 5 22.64 11.16 18.27
CA GLU A 5 23.56 10.06 18.43
C GLU A 5 22.81 8.73 18.42
N HIS A 6 21.68 8.66 19.14
CA HIS A 6 20.93 7.40 19.15
C HIS A 6 20.49 7.01 17.74
N GLN A 7 20.07 7.99 16.94
CA GLN A 7 19.68 7.68 15.58
C GLN A 7 20.86 7.11 14.78
N MET A 8 22.07 7.68 14.97
CA MET A 8 23.24 7.17 14.25
C MET A 8 23.58 5.75 14.67
N HIS A 9 23.36 5.42 15.96
CA HIS A 9 23.56 4.05 16.43
C HIS A 9 22.58 3.08 15.78
N LEU A 10 21.30 3.46 15.76
CA LEU A 10 20.29 2.63 15.13
C LEU A 10 20.68 2.43 13.67
N GLU A 11 21.07 3.50 13.01
CA GLU A 11 21.50 3.34 11.64
C GLU A 11 22.78 2.52 11.55
N LYS A 12 23.66 2.66 12.54
CA LYS A 12 24.85 1.83 12.57
C LYS A 12 24.51 0.34 12.58
N LEU A 13 23.51 -0.05 13.37
CA LEU A 13 23.12 -1.45 13.45
C LEU A 13 22.52 -1.94 12.14
N TYR A 14 21.64 -1.12 11.55
CA TYR A 14 21.01 -1.51 10.30
C TYR A 14 22.04 -1.72 9.20
N ASN A 15 23.00 -0.80 9.10
CA ASN A 15 24.02 -0.92 8.06
C ASN A 15 24.94 -2.10 8.30
N LYS A 16 25.16 -2.48 9.57
CA LYS A 16 25.99 -3.63 9.89
C LYS A 16 25.27 -4.95 9.74
N ASN A 17 23.96 -4.97 9.66
CA ASN A 17 23.28 -6.24 9.63
C ASN A 17 22.50 -6.43 8.35
N GLN A 18 22.95 -5.79 7.28
CA GLN A 18 22.39 -6.14 6.00
C GLN A 18 22.56 -7.63 5.80
N LEU A 19 21.44 -8.32 5.60
CA LEU A 19 21.33 -9.77 5.55
C LEU A 19 22.50 -10.43 4.83
N LEU A 20 22.59 -10.26 3.52
CA LEU A 20 23.57 -11.05 2.77
C LEU A 20 25.01 -10.70 3.14
N PRO A 21 25.42 -9.41 3.26
CA PRO A 21 26.81 -9.15 3.68
C PRO A 21 27.13 -9.69 5.07
N ARG A 22 26.18 -9.63 5.99
CA ARG A 22 26.40 -10.11 7.35
C ARG A 22 26.50 -11.64 7.38
N MET A 23 25.70 -12.34 6.57
CA MET A 23 25.78 -13.80 6.49
C MET A 23 27.13 -14.24 5.96
N ARG A 24 27.60 -13.58 4.90
CA ARG A 24 28.90 -13.91 4.31
C ARG A 24 29.98 -13.91 5.37
N GLN A 25 29.94 -12.94 6.30
CA GLN A 25 30.92 -12.92 7.36
C GLN A 25 30.98 -14.24 8.13
N GLU A 26 29.83 -14.86 8.36
CA GLU A 26 29.83 -16.14 9.05
C GLU A 26 30.57 -17.23 8.29
N PHE A 27 30.66 -17.13 6.96
CA PHE A 27 31.38 -18.12 6.19
C PHE A 27 32.78 -17.69 5.78
N GLU A 28 33.12 -16.43 5.97
CA GLU A 28 34.46 -15.97 5.61
C GLU A 28 35.28 -15.84 6.88
N GLU A 29 35.24 -14.67 7.49
CA GLU A 29 36.08 -14.36 8.64
C GLU A 29 35.59 -14.95 9.96
N ASN A 30 34.46 -15.69 9.98
CA ASN A 30 33.98 -16.25 11.23
C ASN A 30 33.89 -17.77 11.27
N SER A 31 34.10 -18.46 10.15
CA SER A 31 34.02 -19.91 10.15
C SER A 31 35.34 -20.50 10.62
N GLY A 32 35.26 -21.55 11.44
CA GLY A 32 36.45 -22.33 11.70
C GLY A 32 36.92 -23.00 10.43
N ILE A 33 35.96 -23.43 9.60
CA ILE A 33 36.27 -24.00 8.29
C ILE A 33 36.91 -22.90 7.46
N ASP A 34 37.92 -23.27 6.68
CA ASP A 34 38.58 -22.36 5.73
C ASP A 34 38.02 -22.62 4.34
N PHE A 35 36.88 -21.98 4.06
CA PHE A 35 36.16 -22.21 2.80
C PHE A 35 36.96 -21.73 1.59
N LYS A 36 37.79 -20.69 1.73
CA LYS A 36 38.63 -20.29 0.60
C LYS A 36 39.50 -21.45 0.13
N ALA A 37 40.33 -21.97 1.04
CA ALA A 37 41.16 -23.14 0.76
C ALA A 37 40.33 -24.33 0.26
N PHE A 38 39.19 -24.62 0.90
CA PHE A 38 38.44 -25.81 0.51
C PHE A 38 37.83 -25.62 -0.89
N PHE A 39 37.38 -24.39 -1.18
CA PHE A 39 36.76 -24.11 -2.47
C PHE A 39 37.78 -24.19 -3.59
N ALA A 40 39.03 -23.77 -3.34
CA ALA A 40 40.11 -24.05 -4.29
C ALA A 40 40.24 -25.54 -4.57
N HIS A 41 40.33 -26.35 -3.52
CA HIS A 41 40.47 -27.81 -3.65
C HIS A 41 39.44 -28.42 -4.60
N ILE A 42 38.17 -28.07 -4.45
CA ILE A 42 37.15 -28.72 -5.26
C ILE A 42 36.85 -27.94 -6.53
N GLY A 43 37.66 -26.93 -6.81
CA GLY A 43 37.52 -26.18 -8.04
C GLY A 43 36.20 -25.45 -8.16
N ILE A 44 35.86 -24.69 -7.11
CA ILE A 44 34.64 -23.89 -7.07
C ILE A 44 35.05 -22.44 -6.78
N ASP A 45 34.51 -21.52 -7.59
CA ASP A 45 34.89 -20.13 -7.47
C ASP A 45 34.60 -19.63 -6.06
N TYR A 46 35.54 -18.88 -5.49
CA TYR A 46 35.45 -18.52 -4.08
C TYR A 46 34.18 -17.77 -3.73
N LYS A 47 33.93 -16.67 -4.43
CA LYS A 47 32.77 -15.84 -4.11
C LYS A 47 31.46 -16.59 -4.35
N PHE A 48 31.41 -17.40 -5.40
CA PHE A 48 30.26 -18.24 -5.69
C PHE A 48 29.96 -19.20 -4.54
N GLY A 49 30.98 -19.92 -4.08
CA GLY A 49 30.79 -20.92 -3.05
C GLY A 49 30.28 -20.34 -1.74
N ILE A 50 30.87 -19.24 -1.30
CA ILE A 50 30.39 -18.56 -0.11
C ILE A 50 28.94 -18.17 -0.25
N ASP A 51 28.56 -17.63 -1.41
CA ASP A 51 27.18 -17.21 -1.66
C ASP A 51 26.21 -18.38 -1.63
N ALA A 52 26.60 -19.52 -2.23
CA ALA A 52 25.74 -20.69 -2.16
C ALA A 52 25.56 -21.14 -0.71
N MET A 53 26.64 -21.13 0.07
CA MET A 53 26.58 -21.48 1.48
C MET A 53 25.61 -20.55 2.21
N VAL A 54 25.74 -19.24 1.95
CA VAL A 54 24.85 -18.23 2.52
C VAL A 54 23.40 -18.50 2.14
N GLN A 55 23.13 -18.73 0.85
CA GLN A 55 21.77 -19.05 0.41
C GLN A 55 21.20 -20.28 1.10
N MET A 56 22.05 -21.24 1.45
CA MET A 56 21.54 -22.40 2.15
C MET A 56 21.24 -22.08 3.59
N ALA A 57 22.03 -21.21 4.24
CA ALA A 57 21.68 -20.78 5.59
C ALA A 57 20.40 -19.96 5.64
N LEU A 58 20.03 -19.28 4.55
CA LEU A 58 18.76 -18.56 4.50
C LEU A 58 17.59 -19.50 4.29
N HIS A 59 17.56 -20.14 3.12
CA HIS A 59 16.44 -20.97 2.72
C HIS A 59 16.27 -22.21 3.59
N LYS A 60 17.36 -22.70 4.20
CA LYS A 60 17.40 -24.03 4.81
C LYS A 60 17.13 -25.14 3.80
N ARG A 61 15.98 -25.12 3.13
CA ARG A 61 15.69 -26.05 2.05
C ARG A 61 15.25 -25.29 0.80
N ALA A 62 15.65 -25.75 -0.38
CA ALA A 62 15.35 -24.99 -1.59
C ALA A 62 15.38 -25.89 -2.82
N ASP A 63 14.32 -25.82 -3.63
CA ASP A 63 14.35 -26.52 -4.92
C ASP A 63 15.36 -25.87 -5.86
N LEU A 64 15.71 -26.62 -6.92
CA LEU A 64 16.74 -26.13 -7.84
C LEU A 64 16.41 -24.81 -8.52
N PRO A 65 15.24 -24.63 -9.14
CA PRO A 65 15.02 -23.34 -9.84
C PRO A 65 15.11 -22.18 -8.88
N THR A 66 14.69 -22.39 -7.63
CA THR A 66 14.76 -21.33 -6.63
C THR A 66 16.21 -20.94 -6.34
N LEU A 67 17.07 -21.94 -6.17
CA LEU A 67 18.43 -21.68 -5.73
C LEU A 67 19.31 -21.06 -6.81
N VAL A 68 19.15 -21.47 -8.07
CA VAL A 68 19.92 -20.86 -9.15
C VAL A 68 19.51 -19.42 -9.39
N GLY A 69 18.23 -19.09 -9.17
CA GLY A 69 17.79 -17.71 -9.34
C GLY A 69 18.64 -16.75 -8.54
N THR A 70 18.85 -17.05 -7.26
CA THR A 70 19.64 -16.18 -6.40
C THR A 70 21.12 -16.11 -6.80
N LEU A 71 21.61 -17.07 -7.60
CA LEU A 71 23.04 -17.22 -7.91
C LEU A 71 23.35 -17.08 -9.40
N ARG A 72 22.33 -16.98 -10.26
CA ARG A 72 22.47 -16.92 -11.72
C ARG A 72 23.50 -15.91 -12.22
N HIS A 73 23.71 -14.81 -11.50
CA HIS A 73 24.56 -13.71 -11.96
C HIS A 73 26.06 -13.99 -11.91
N HIS A 74 26.48 -15.18 -11.52
CA HIS A 74 27.89 -15.53 -11.43
C HIS A 74 28.47 -16.17 -12.70
N CYS A 75 27.63 -16.71 -13.58
CA CYS A 75 28.06 -17.49 -14.73
C CYS A 75 27.40 -17.01 -16.04
N LYS A 76 28.04 -17.35 -17.16
CA LYS A 76 27.51 -17.02 -18.48
C LYS A 76 26.33 -17.89 -18.88
N SER A 77 26.13 -19.00 -18.18
CA SER A 77 25.10 -19.96 -18.52
C SER A 77 24.32 -20.36 -17.27
N ALA A 78 23.02 -20.60 -17.45
CA ALA A 78 22.24 -21.20 -16.37
C ALA A 78 22.80 -22.55 -15.99
N GLN A 79 23.28 -23.31 -16.98
CA GLN A 79 23.79 -24.67 -16.74
C GLN A 79 25.03 -24.67 -15.87
N GLU A 80 25.96 -23.75 -16.11
CA GLU A 80 27.17 -23.65 -15.31
C GLU A 80 26.84 -23.57 -13.82
N VAL A 81 25.76 -22.87 -13.44
CA VAL A 81 25.41 -22.74 -12.03
C VAL A 81 25.01 -24.08 -11.41
N ALA A 82 24.16 -24.86 -12.11
CA ALA A 82 23.67 -26.11 -11.52
C ALA A 82 24.78 -27.13 -11.37
N ASP A 83 25.72 -27.16 -12.31
CA ASP A 83 26.86 -28.06 -12.21
C ASP A 83 27.68 -27.73 -10.98
N ASN A 84 28.09 -26.47 -10.86
CA ASN A 84 28.78 -26.01 -9.64
C ASN A 84 28.07 -26.45 -8.37
N LEU A 85 26.73 -26.45 -8.36
CA LEU A 85 26.01 -26.86 -7.15
C LEU A 85 26.15 -28.37 -6.86
N PHE A 86 26.15 -29.20 -7.91
CA PHE A 86 26.43 -30.62 -7.70
C PHE A 86 27.83 -30.84 -7.15
N LYS A 87 28.85 -30.23 -7.78
CA LYS A 87 30.19 -30.36 -7.25
C LYS A 87 30.20 -30.03 -5.76
N MET A 88 29.44 -29.02 -5.34
CA MET A 88 29.48 -28.70 -3.91
C MET A 88 28.65 -29.71 -3.13
N ALA A 89 27.55 -30.21 -3.71
CA ALA A 89 26.75 -31.19 -2.98
C ALA A 89 27.51 -32.51 -2.84
N SER A 90 28.36 -32.84 -3.82
CA SER A 90 29.09 -34.09 -3.75
C SER A 90 30.26 -33.97 -2.80
N GLU A 91 30.74 -32.75 -2.58
CA GLU A 91 31.82 -32.46 -1.64
C GLU A 91 31.31 -32.11 -0.25
N ASP A 92 30.04 -32.39 0.02
CA ASP A 92 29.44 -32.23 1.35
C ASP A 92 29.38 -30.78 1.82
N CYS A 93 29.32 -29.81 0.91
CA CYS A 93 29.01 -28.46 1.37
C CYS A 93 27.59 -28.38 1.89
N PHE A 94 26.69 -29.21 1.35
CA PHE A 94 25.33 -29.38 1.85
C PHE A 94 24.80 -30.59 1.11
N ASN A 95 23.63 -31.08 1.52
CA ASN A 95 23.11 -32.28 0.90
C ASN A 95 22.00 -31.96 -0.07
N PHE A 96 21.90 -32.78 -1.11
CA PHE A 96 20.72 -32.87 -1.97
C PHE A 96 20.06 -34.24 -1.82
N ASP A 97 18.76 -34.22 -1.51
CA ASP A 97 17.99 -35.44 -1.29
C ASP A 97 17.10 -35.67 -2.49
N PRO A 98 17.42 -36.63 -3.37
CA PRO A 98 16.65 -36.80 -4.62
C PRO A 98 15.19 -37.14 -4.42
N THR A 99 14.80 -37.64 -3.25
CA THR A 99 13.42 -38.03 -2.98
C THR A 99 12.50 -36.85 -2.68
N ILE A 100 13.03 -35.70 -2.26
CA ILE A 100 12.24 -34.49 -2.07
C ILE A 100 12.62 -33.38 -3.04
N ASP A 101 13.62 -33.62 -3.90
CA ASP A 101 14.14 -32.67 -4.89
C ASP A 101 14.54 -31.33 -4.31
N LYS A 102 15.16 -31.35 -3.14
CA LYS A 102 15.59 -30.11 -2.52
C LYS A 102 17.01 -30.27 -2.00
N PHE A 103 17.67 -29.14 -1.81
CA PHE A 103 18.92 -29.08 -1.07
C PHE A 103 18.56 -28.84 0.38
N ILE A 104 19.29 -29.48 1.28
CA ILE A 104 19.09 -29.27 2.70
C ILE A 104 20.37 -28.73 3.28
N VAL A 105 20.26 -27.69 4.11
CA VAL A 105 21.45 -27.04 4.62
C VAL A 105 22.18 -27.99 5.57
N ILE A 106 23.52 -27.87 5.64
CA ILE A 106 24.30 -28.51 6.67
C ILE A 106 24.93 -27.49 7.61
N TYR A 107 25.59 -26.49 7.05
CA TYR A 107 26.35 -25.53 7.86
C TYR A 107 25.49 -24.28 7.91
N THR A 108 25.03 -23.95 9.11
CA THR A 108 24.13 -22.84 9.38
C THR A 108 24.77 -21.88 10.35
N ILE A 109 24.27 -20.63 10.36
CA ILE A 109 24.90 -19.61 11.19
C ILE A 109 24.53 -19.80 12.65
N SER A 110 25.35 -19.26 13.54
CA SER A 110 25.10 -19.36 14.97
C SER A 110 23.74 -18.78 15.33
N ASP A 111 23.22 -19.21 16.49
CA ASP A 111 21.97 -18.63 16.98
C ASP A 111 22.15 -17.18 17.39
N ASP A 112 23.33 -16.80 17.91
CA ASP A 112 23.52 -15.43 18.36
C ASP A 112 23.48 -14.46 17.18
N VAL A 113 24.10 -14.83 16.07
CA VAL A 113 24.05 -14.00 14.88
C VAL A 113 22.66 -13.98 14.26
N GLN A 114 21.96 -15.12 14.28
CA GLN A 114 20.60 -15.10 13.74
C GLN A 114 19.70 -14.12 14.47
N HIS A 115 19.89 -13.94 15.80
CA HIS A 115 19.04 -13.02 16.55
C HIS A 115 19.31 -11.56 16.19
N GLU A 116 20.58 -11.21 15.97
CA GLU A 116 20.87 -9.83 15.55
C GLU A 116 20.26 -9.56 14.18
N LEU A 117 20.40 -10.50 13.25
CA LEU A 117 19.74 -10.36 11.96
C LEU A 117 18.23 -10.25 12.13
N ASP A 118 17.63 -11.00 13.06
CA ASP A 118 16.19 -10.86 13.23
C ASP A 118 15.81 -9.50 13.77
N SER A 119 16.69 -8.87 14.55
CA SER A 119 16.39 -7.56 15.13
C SER A 119 16.68 -6.39 14.21
N PHE A 120 17.74 -6.47 13.41
CA PHE A 120 18.27 -5.26 12.82
C PHE A 120 18.50 -5.30 11.32
N GLN A 121 18.16 -6.40 10.66
CA GLN A 121 18.43 -6.42 9.24
C GLN A 121 17.41 -5.59 8.50
N TYR A 122 16.21 -5.34 9.13
CA TYR A 122 15.14 -4.58 8.53
C TYR A 122 15.17 -3.16 9.06
N PRO A 123 14.74 -2.18 8.27
CA PRO A 123 14.78 -0.79 8.74
C PRO A 123 13.94 -0.58 9.98
N LEU A 124 14.39 0.33 10.83
CA LEU A 124 13.70 0.74 12.04
C LEU A 124 13.18 2.15 11.87
N PRO A 125 12.26 2.58 12.73
CA PRO A 125 11.85 3.99 12.73
C PRO A 125 13.00 4.93 13.04
N MET A 126 12.78 6.21 12.70
CA MET A 126 13.79 7.18 13.09
C MET A 126 13.37 7.81 14.42
N VAL A 127 14.37 8.15 15.23
CA VAL A 127 14.07 8.77 16.52
C VAL A 127 14.31 10.27 16.48
N VAL A 128 14.76 10.80 15.35
CA VAL A 128 14.69 12.21 15.03
C VAL A 128 13.81 12.35 13.80
N ARG A 129 13.39 13.58 13.51
CA ARG A 129 12.75 13.92 12.24
C ARG A 129 13.61 13.45 11.06
N PRO A 130 13.03 12.65 10.13
CA PRO A 130 13.76 12.22 8.92
C PRO A 130 14.25 13.35 8.03
N LYS A 131 15.40 13.11 7.37
CA LYS A 131 15.88 14.08 6.39
C LYS A 131 14.81 14.41 5.37
N LEU A 132 14.74 15.70 5.08
CA LEU A 132 13.91 16.19 4.00
C LEU A 132 14.42 15.62 2.67
N LEU A 133 13.53 15.01 1.90
CA LEU A 133 13.91 14.49 0.59
C LEU A 133 13.80 15.58 -0.47
N THR A 134 14.85 15.71 -1.26
CA THR A 134 14.92 16.73 -2.28
C THR A 134 15.29 16.17 -3.62
N LYS A 135 15.76 14.93 -3.67
CA LYS A 135 15.97 14.21 -4.90
C LYS A 135 15.47 12.79 -4.65
N ASN A 136 15.42 12.00 -5.71
CA ASN A 136 14.86 10.66 -5.65
C ASN A 136 15.90 9.65 -5.15
N TYR A 137 16.87 10.15 -4.36
CA TYR A 137 17.87 9.35 -3.65
C TYR A 137 17.86 9.67 -2.18
N GLY A 138 18.00 8.63 -1.37
CA GLY A 138 17.99 8.82 0.06
C GLY A 138 16.58 8.59 0.49
N THR A 139 16.33 7.91 1.60
CA THR A 139 14.95 7.59 1.95
C THR A 139 14.54 8.17 3.30
N GLY A 140 15.34 9.11 3.84
CA GLY A 140 15.07 9.74 5.12
C GLY A 140 16.12 9.47 6.17
N TYR A 141 16.84 8.34 6.06
CA TYR A 141 17.86 8.07 7.06
C TYR A 141 19.13 8.81 6.66
N PHE A 142 20.03 8.94 7.63
CA PHE A 142 21.24 9.69 7.39
C PHE A 142 22.34 8.91 6.69
N THR A 143 22.22 7.60 6.53
CA THR A 143 23.33 6.86 5.96
C THR A 143 22.95 6.00 4.77
N CYS A 144 21.73 6.07 4.29
CA CYS A 144 21.31 5.34 3.11
C CYS A 144 21.14 6.36 2.00
N ASN A 145 21.59 6.03 0.78
CA ASN A 145 21.32 6.91 -0.35
C ASN A 145 20.91 6.13 -1.60
N LYS A 146 20.23 5.00 -1.40
CA LYS A 146 19.64 4.20 -2.44
C LYS A 146 18.45 4.94 -3.07
N SER A 147 18.08 4.53 -4.28
CA SER A 147 16.82 4.95 -4.91
C SER A 147 15.64 4.89 -3.93
N VAL A 148 14.83 5.96 -3.93
CA VAL A 148 13.69 5.99 -3.02
C VAL A 148 12.55 5.11 -3.54
N ILE A 149 12.48 4.84 -4.85
CA ILE A 149 11.40 4.01 -5.42
C ILE A 149 11.66 2.53 -5.14
N LEU A 150 10.61 1.81 -4.75
CA LEU A 150 10.73 0.41 -4.37
C LEU A 150 11.06 -0.49 -5.56
N LYS A 151 11.94 -1.46 -5.29
CA LYS A 151 12.49 -2.38 -6.30
C LYS A 151 13.25 -1.63 -7.37
N LYS A 152 13.49 -2.24 -8.54
CA LYS A 152 14.37 -1.61 -9.53
C LYS A 152 13.57 -0.79 -10.55
N ASN A 153 13.22 0.40 -10.10
CA ASN A 153 12.31 1.26 -10.83
C ASN A 153 12.70 2.71 -10.64
N HIS A 154 14.01 3.01 -10.72
CA HIS A 154 14.45 4.36 -10.42
C HIS A 154 14.15 5.27 -11.57
N THR A 155 13.71 6.47 -11.24
CA THR A 155 13.66 7.56 -12.19
C THR A 155 14.07 8.81 -11.44
N ASP A 156 14.49 9.82 -12.20
CA ASP A 156 14.75 11.14 -11.66
C ASP A 156 13.64 12.10 -12.00
N ASP A 157 12.56 11.61 -12.61
CA ASP A 157 11.33 12.35 -12.82
C ASP A 157 10.59 12.57 -11.49
N ASP A 158 9.64 13.50 -11.53
CA ASP A 158 8.85 13.86 -10.36
C ASP A 158 8.09 12.66 -9.82
N ILE A 159 8.32 12.31 -8.54
CA ILE A 159 7.51 11.25 -7.92
C ILE A 159 6.84 11.77 -6.64
N CYS A 160 6.57 13.08 -6.58
CA CYS A 160 5.84 13.71 -5.47
C CYS A 160 6.52 13.49 -4.12
N LEU A 161 7.79 13.89 -4.02
CA LEU A 161 8.46 13.84 -2.73
C LEU A 161 7.64 14.51 -1.64
N ASP A 162 6.81 15.51 -1.98
CA ASP A 162 6.07 16.21 -0.93
C ASP A 162 5.24 15.26 -0.08
N HIS A 163 4.66 14.23 -0.69
CA HIS A 163 3.85 13.31 0.09
C HIS A 163 4.75 12.50 1.03
N LEU A 164 5.85 11.96 0.50
CA LEU A 164 6.78 11.26 1.36
C LEU A 164 7.23 12.17 2.51
N ASN A 165 7.61 13.40 2.20
CA ASN A 165 8.06 14.30 3.26
C ASN A 165 6.96 14.59 4.28
N ARG A 166 5.68 14.61 3.86
CA ARG A 166 4.60 14.95 4.77
C ARG A 166 4.29 13.80 5.70
N MET A 167 4.38 12.57 5.17
CA MET A 167 4.10 11.40 5.98
C MET A 167 5.25 11.16 6.95
N ASN A 168 6.48 11.39 6.49
CA ASN A 168 7.66 11.12 7.28
C ASN A 168 7.72 11.92 8.58
N LYS A 169 7.08 13.08 8.66
CA LYS A 169 7.17 13.90 9.85
C LYS A 169 6.01 13.69 10.81
N ILE A 170 5.14 12.72 10.56
CA ILE A 170 4.10 12.35 11.50
C ILE A 170 4.76 11.65 12.69
N PRO A 171 4.67 12.18 13.88
CA PRO A 171 5.34 11.55 15.01
C PRO A 171 4.45 10.45 15.57
N LEU A 172 5.03 9.30 15.85
CA LEU A 172 4.26 8.16 16.31
C LEU A 172 4.85 7.71 17.64
N SER A 173 4.10 6.86 18.34
CA SER A 173 4.62 6.28 19.56
C SER A 173 3.93 4.95 19.75
N ILE A 174 4.39 4.23 20.76
CA ILE A 174 3.96 2.87 21.01
C ILE A 174 2.92 2.91 22.12
N ASN A 175 1.85 2.16 21.95
CA ASN A 175 0.88 2.02 23.01
C ASN A 175 1.31 0.75 23.74
N TRP A 176 1.99 0.92 24.88
CA TRP A 176 2.57 -0.24 25.55
C TRP A 176 1.49 -1.08 26.17
N ASP A 177 0.34 -0.47 26.45
CA ASP A 177 -0.79 -1.21 26.97
C ASP A 177 -1.24 -2.25 25.96
N VAL A 178 -1.44 -1.85 24.70
CA VAL A 178 -1.77 -2.82 23.66
C VAL A 178 -0.62 -3.79 23.40
N ALA A 179 0.62 -3.27 23.34
CA ALA A 179 1.79 -4.09 23.02
C ALA A 179 2.00 -5.22 24.01
N HIS A 180 1.70 -4.97 25.28
CA HIS A 180 1.85 -5.96 26.33
C HIS A 180 0.69 -6.93 26.27
N MET A 181 -0.49 -6.42 25.91
CA MET A 181 -1.64 -7.27 25.69
C MET A 181 -1.34 -8.31 24.62
N VAL A 182 -0.72 -7.89 23.52
CA VAL A 182 -0.39 -8.84 22.46
C VAL A 182 0.54 -9.93 22.95
N LYS A 183 1.68 -9.57 23.55
CA LYS A 183 2.61 -10.61 24.01
C LYS A 183 2.00 -11.58 25.03
N ASN A 184 1.34 -11.06 26.07
CA ASN A 184 0.75 -11.95 27.07
C ASN A 184 -0.45 -12.75 26.56
N GLU A 185 -1.29 -12.19 25.70
CA GLU A 185 -2.61 -12.81 25.48
C GLU A 185 -2.97 -13.06 24.01
N TRP A 186 -2.17 -12.58 23.06
CA TRP A 186 -2.53 -12.68 21.63
C TRP A 186 -2.46 -14.13 21.15
N ALA A 187 -1.49 -14.90 21.65
CA ALA A 187 -1.28 -16.26 21.19
C ALA A 187 -2.51 -17.14 21.43
N ASN A 188 -3.26 -16.86 22.51
CA ASN A 188 -4.48 -17.60 22.83
C ASN A 188 -5.72 -16.90 22.32
N LEU A 189 -5.55 -15.79 21.60
CA LEU A 189 -6.63 -15.10 20.89
C LEU A 189 -6.71 -15.50 19.43
N ASP A 190 -5.58 -15.91 18.83
CA ASP A 190 -5.47 -16.26 17.42
C ASP A 190 -6.16 -17.58 17.11
N ALA A 207 4.89 -17.51 12.05
CA ALA A 207 5.15 -16.15 11.59
C ALA A 207 4.93 -15.15 12.71
N PHE A 208 3.94 -15.43 13.56
CA PHE A 208 3.68 -14.54 14.69
C PHE A 208 4.75 -14.68 15.76
N GLN A 209 5.08 -15.91 16.15
CA GLN A 209 6.11 -16.12 17.17
C GLN A 209 7.45 -15.51 16.78
N LYS A 210 7.85 -15.71 15.51
CA LYS A 210 9.10 -15.12 15.03
C LYS A 210 9.11 -13.60 15.19
N TYR A 211 8.03 -12.92 14.77
CA TYR A 211 8.04 -11.47 14.90
C TYR A 211 8.15 -11.07 16.37
N ASP A 212 7.31 -11.67 17.22
CA ASP A 212 7.18 -11.26 18.62
C ASP A 212 8.41 -11.62 19.47
N ARG A 213 9.16 -12.64 19.06
CA ARG A 213 10.41 -13.03 19.73
C ARG A 213 11.35 -11.84 19.93
N THR A 214 11.38 -10.91 18.98
CA THR A 214 12.37 -9.85 19.00
C THR A 214 11.72 -8.49 18.95
N ALA A 215 10.41 -8.41 18.71
CA ALA A 215 9.74 -7.13 18.51
C ALA A 215 9.88 -6.26 19.75
N HIS A 216 9.47 -6.79 20.91
CA HIS A 216 9.54 -6.01 22.16
C HIS A 216 10.96 -5.51 22.44
N GLU A 217 11.97 -6.36 22.24
CA GLU A 217 13.34 -5.89 22.47
C GLU A 217 13.64 -4.67 21.60
N VAL A 218 13.26 -4.73 20.31
CA VAL A 218 13.47 -3.64 19.38
C VAL A 218 12.68 -2.40 19.77
N MET A 219 11.41 -2.57 20.15
CA MET A 219 10.58 -1.45 20.55
C MET A 219 11.18 -0.74 21.78
N GLY A 220 11.77 -1.50 22.70
CA GLY A 220 12.36 -0.88 23.85
C GLY A 220 13.61 -0.13 23.45
N LEU A 221 14.45 -0.75 22.61
CA LEU A 221 15.65 -0.09 22.12
C LEU A 221 15.26 1.16 21.34
N LEU A 222 14.31 1.02 20.43
CA LEU A 222 13.81 2.14 19.61
C LEU A 222 13.54 3.36 20.48
N THR A 223 12.73 3.18 21.52
CA THR A 223 12.22 4.25 22.37
C THR A 223 13.14 4.54 23.57
N GLN A 224 14.41 4.12 23.51
CA GLN A 224 15.36 4.35 24.61
C GLN A 224 15.38 5.82 25.03
N GLU A 225 15.30 6.74 24.07
CA GLU A 225 15.35 8.17 24.31
C GLU A 225 13.97 8.81 24.28
N GLY A 226 12.91 8.05 24.46
CA GLY A 226 11.58 8.61 24.36
C GLY A 226 10.65 7.87 23.44
N ASN A 227 9.37 7.89 23.78
CA ASN A 227 8.36 7.11 23.06
C ASN A 227 7.83 7.97 21.91
N LYS A 228 8.71 8.19 20.94
CA LYS A 228 8.41 9.11 19.85
C LYS A 228 9.33 8.78 18.71
N PHE A 229 8.77 8.62 17.52
CA PHE A 229 9.56 8.19 16.40
C PHE A 229 8.80 8.45 15.09
N TYR A 230 9.50 8.23 13.99
CA TYR A 230 8.99 8.54 12.66
C TYR A 230 9.25 7.37 11.76
N LEU A 231 8.21 6.98 11.02
CA LEU A 231 8.32 5.94 10.01
C LEU A 231 8.67 6.59 8.68
N THR A 232 9.54 5.96 7.90
CA THR A 232 9.88 6.48 6.58
C THR A 232 8.95 5.90 5.52
N HIS A 233 8.79 6.64 4.42
CA HIS A 233 7.82 6.22 3.43
C HIS A 233 8.47 6.21 2.05
N ARG A 234 8.19 5.17 1.26
CA ARG A 234 8.68 5.04 -0.08
C ARG A 234 7.54 4.72 -1.03
N PRO A 235 7.56 5.26 -2.26
CA PRO A 235 6.53 4.94 -3.25
C PRO A 235 6.97 3.77 -4.10
N ASP A 236 6.01 2.94 -4.52
CA ASP A 236 6.33 1.98 -5.57
C ASP A 236 6.21 2.67 -6.92
N LYS A 237 6.39 1.92 -8.00
CA LYS A 237 6.48 2.62 -9.28
C LYS A 237 5.20 3.29 -9.73
N ARG A 238 4.07 2.91 -9.14
CA ARG A 238 2.76 3.41 -9.50
C ARG A 238 2.33 4.62 -8.69
N GLY A 239 2.95 4.81 -7.54
CA GLY A 239 2.58 5.85 -6.61
C GLY A 239 1.71 5.39 -5.46
N ARG A 240 1.69 4.10 -5.14
CA ARG A 240 1.17 3.70 -3.85
C ARG A 240 2.30 3.97 -2.84
N THR A 241 1.93 4.41 -1.64
CA THR A 241 2.89 4.81 -0.61
C THR A 241 3.00 3.75 0.47
N TYR A 242 4.23 3.34 0.77
CA TYR A 242 4.50 2.25 1.70
C TYR A 242 5.38 2.74 2.84
N SER A 243 4.92 2.55 4.09
CA SER A 243 5.79 2.85 5.22
C SER A 243 6.77 1.70 5.41
N GLN A 244 8.03 2.04 5.71
CA GLN A 244 9.13 1.08 5.72
C GLN A 244 9.42 0.58 7.13
N GLY A 245 9.37 -0.74 7.32
CA GLY A 245 9.74 -1.37 8.57
C GLY A 245 8.94 -2.63 8.85
N TYR A 246 9.54 -3.55 9.59
CA TYR A 246 8.88 -4.82 9.91
C TYR A 246 8.28 -4.88 11.31
N HIS A 247 9.06 -4.55 12.34
CA HIS A 247 8.61 -4.71 13.71
C HIS A 247 7.61 -3.65 14.14
N VAL A 248 7.70 -2.44 13.59
CA VAL A 248 6.85 -1.33 13.98
C VAL A 248 6.36 -0.73 12.69
N ASN A 249 5.06 -0.86 12.43
CA ASN A 249 4.53 -0.42 11.14
C ASN A 249 2.99 -0.33 11.15
N TYR A 250 2.42 0.78 10.71
CA TYR A 250 0.96 0.84 10.72
C TYR A 250 0.37 0.15 9.53
N GLN A 251 1.22 -0.30 8.60
CA GLN A 251 0.85 -1.24 7.57
C GLN A 251 1.32 -2.62 8.00
N GLY A 252 0.84 -3.62 7.32
CA GLY A 252 1.18 -4.97 7.72
C GLY A 252 0.24 -5.65 8.71
N THR A 253 0.78 -6.35 9.70
CA THR A 253 -0.04 -7.31 10.44
C THR A 253 -0.90 -6.65 11.50
N SER A 254 -1.99 -7.31 11.84
CA SER A 254 -2.93 -6.74 12.80
C SER A 254 -2.31 -6.60 14.19
N TRP A 255 -1.41 -7.51 14.54
CA TRP A 255 -0.71 -7.44 15.82
C TRP A 255 0.32 -6.34 15.79
N ASN A 256 0.60 -5.84 14.59
CA ASN A 256 1.51 -4.75 14.33
C ASN A 256 0.77 -3.41 14.35
N LYS A 257 -0.26 -3.27 13.49
CA LYS A 257 -1.15 -2.11 13.51
C LYS A 257 -1.58 -1.61 14.89
N ALA A 258 -1.99 -2.54 15.77
CA ALA A 258 -2.67 -2.19 17.02
C ALA A 258 -1.81 -1.37 18.00
N VAL A 259 -0.49 -1.55 17.94
CA VAL A 259 0.42 -0.97 18.92
C VAL A 259 0.76 0.48 18.61
N LEU A 260 0.60 0.92 17.36
CA LEU A 260 0.95 2.27 16.95
C LEU A 260 -0.18 3.26 17.20
N GLU A 261 0.20 4.44 17.68
CA GLU A 261 -0.72 5.55 17.87
C GLU A 261 0.03 6.84 17.59
N PHE A 262 -0.73 7.93 17.52
CA PHE A 262 -0.10 9.23 17.31
C PHE A 262 0.68 9.68 18.52
N ALA A 263 1.86 10.26 18.25
CA ALA A 263 2.63 10.77 19.37
C ALA A 263 2.00 12.05 19.87
N GLU A 264 1.30 12.77 19.01
CA GLU A 264 0.63 14.01 19.40
C GLU A 264 -0.81 13.64 19.72
N LYS A 265 -1.05 13.28 21.00
CA LYS A 265 -2.38 12.92 21.48
C LYS A 265 -3.27 14.15 21.58
N GLU A 266 -4.58 13.90 21.65
CA GLU A 266 -5.55 14.98 21.69
C GLU A 266 -6.72 14.59 22.56
N VAL A 267 -7.28 15.57 23.26
CA VAL A 267 -8.51 15.35 24.01
C VAL A 267 -9.68 15.44 23.04
N ILE A 268 -10.37 14.31 22.90
CA ILE A 268 -11.36 14.09 21.84
C ILE A 268 -12.59 14.97 21.99
N ASP A 269 -13.06 15.15 23.24
CA ASP A 269 -14.37 15.75 23.65
C ASP A 269 -15.47 14.67 23.70
N MET B 1 -24.73 13.05 3.12
CA MET B 1 -23.78 12.53 4.10
C MET B 1 -24.13 12.95 5.51
N GLN B 2 -24.47 11.99 6.36
CA GLN B 2 -24.73 12.34 7.74
C GLN B 2 -23.42 12.37 8.54
N THR B 3 -23.34 13.28 9.49
CA THR B 3 -22.18 13.49 10.35
C THR B 3 -22.28 12.75 11.68
N PHE B 4 -21.14 12.65 12.37
CA PHE B 4 -21.05 12.00 13.67
C PHE B 4 -20.14 12.79 14.62
N THR B 5 -20.34 12.55 15.91
CA THR B 5 -19.51 13.10 16.96
C THR B 5 -18.17 12.38 17.02
N ALA B 6 -17.20 12.99 17.71
CA ALA B 6 -15.91 12.33 17.84
C ALA B 6 -16.05 10.99 18.56
N ARG B 7 -16.80 10.97 19.65
CA ARG B 7 -17.00 9.73 20.40
C ARG B 7 -17.72 8.69 19.56
N GLU B 8 -18.64 9.11 18.67
CA GLU B 8 -19.36 8.16 17.84
C GLU B 8 -18.44 7.45 16.85
N TYR B 9 -17.43 8.13 16.31
CA TYR B 9 -16.53 7.42 15.39
C TYR B 9 -15.76 6.35 16.15
N LEU B 10 -15.41 6.65 17.40
CA LEU B 10 -14.87 5.63 18.27
C LEU B 10 -15.85 4.46 18.39
N LYS B 11 -17.14 4.75 18.54
CA LYS B 11 -18.11 3.66 18.70
C LYS B 11 -18.15 2.79 17.44
N ILE B 12 -18.18 3.44 16.27
CA ILE B 12 -18.21 2.74 14.99
C ILE B 12 -16.96 1.92 14.79
N ASP B 13 -15.79 2.50 15.13
CA ASP B 13 -14.53 1.80 14.94
C ASP B 13 -14.45 0.54 15.79
N ILE B 14 -14.90 0.63 17.03
CA ILE B 14 -14.93 -0.55 17.88
C ILE B 14 -15.93 -1.58 17.33
N ALA B 15 -17.10 -1.13 16.86
CA ALA B 15 -18.01 -2.05 16.17
C ALA B 15 -17.34 -2.71 14.95
N ASN B 16 -16.71 -1.90 14.10
CA ASN B 16 -16.01 -2.40 12.92
C ASN B 16 -15.06 -3.54 13.25
N ASN B 17 -14.29 -3.41 14.33
CA ASN B 17 -13.27 -4.41 14.67
C ASN B 17 -13.84 -5.61 15.40
N TYR B 18 -15.13 -5.62 15.73
CA TYR B 18 -15.68 -6.81 16.37
C TYR B 18 -15.77 -8.02 15.43
N GLY B 19 -16.21 -7.87 14.17
CA GLY B 19 -16.70 -6.68 13.51
C GLY B 19 -17.95 -6.78 12.64
N LEU B 20 -18.74 -5.73 12.76
CA LEU B 20 -19.98 -5.58 12.03
C LEU B 20 -19.80 -4.45 11.03
N ASP B 21 -18.68 -4.45 10.30
CA ASP B 21 -18.29 -3.33 9.42
C ASP B 21 -19.16 -3.22 8.17
N LYS B 22 -19.96 -4.24 7.89
CA LYS B 22 -20.91 -4.24 6.78
C LYS B 22 -22.29 -3.76 7.21
N GLU B 23 -22.48 -3.46 8.50
CA GLU B 23 -23.70 -2.89 9.02
C GLU B 23 -23.77 -1.38 8.80
N ASP B 24 -24.99 -0.86 8.75
CA ASP B 24 -25.20 0.57 8.63
C ASP B 24 -24.60 1.31 9.83
N TRP B 25 -24.39 2.62 9.65
CA TRP B 25 -23.84 3.43 10.75
C TRP B 25 -24.65 3.30 12.02
N ASP B 26 -25.97 3.46 11.95
CA ASP B 26 -26.74 3.54 13.18
C ASP B 26 -26.88 2.18 13.85
N ASP B 27 -26.90 1.10 13.06
CA ASP B 27 -26.94 -0.24 13.65
C ASP B 27 -25.65 -0.52 14.41
N ARG B 28 -24.54 0.03 13.91
CA ARG B 28 -23.23 -0.16 14.54
C ARG B 28 -23.18 0.57 15.88
N ILE B 29 -23.65 1.81 15.89
CA ILE B 29 -23.70 2.56 17.14
C ILE B 29 -24.70 1.91 18.09
N ALA B 30 -25.79 1.36 17.55
CA ALA B 30 -26.75 0.68 18.41
C ALA B 30 -26.12 -0.53 19.07
N TRP B 31 -25.36 -1.33 18.33
CA TRP B 31 -24.65 -2.46 18.93
C TRP B 31 -23.71 -2.01 20.02
N PHE B 32 -23.04 -0.88 19.80
CA PHE B 32 -22.07 -0.35 20.77
C PHE B 32 -22.75 0.02 22.06
N ASP B 33 -23.71 0.95 22.00
CA ASP B 33 -24.51 1.38 23.14
C ASP B 33 -24.92 0.17 23.98
N LYS B 34 -25.33 -0.93 23.32
CA LYS B 34 -25.73 -2.14 24.02
C LYS B 34 -24.57 -2.81 24.80
N ASN B 35 -23.34 -2.75 24.29
CA ASN B 35 -22.24 -3.48 24.93
C ASN B 35 -21.22 -2.55 25.59
N GLU B 36 -21.55 -1.26 25.75
CA GLU B 36 -20.58 -0.27 26.22
C GLU B 36 -19.98 -0.73 27.54
N ASN B 37 -20.81 -1.28 28.42
CA ASN B 37 -20.41 -1.60 29.78
C ASN B 37 -19.71 -2.96 29.87
N ASN B 38 -19.65 -3.73 28.78
CA ASN B 38 -19.01 -5.04 28.79
C ASN B 38 -17.92 -5.21 27.73
N LEU B 39 -17.31 -4.13 27.23
CA LEU B 39 -16.44 -4.23 26.05
C LEU B 39 -15.21 -5.09 26.28
N LEU B 40 -14.57 -4.98 27.45
CA LEU B 40 -13.31 -5.70 27.65
C LEU B 40 -13.46 -7.21 27.59
N ASN B 41 -14.67 -7.73 27.79
CA ASN B 41 -14.89 -9.16 27.72
C ASN B 41 -15.15 -9.66 26.31
N LEU B 42 -15.44 -8.76 25.38
CA LEU B 42 -15.69 -9.15 24.00
C LEU B 42 -14.39 -9.27 23.22
N VAL B 43 -13.27 -8.85 23.81
CA VAL B 43 -12.00 -8.81 23.09
C VAL B 43 -11.66 -10.19 22.60
N ARG B 44 -11.95 -11.20 23.40
CA ARG B 44 -11.61 -12.58 23.07
C ARG B 44 -12.46 -13.15 21.95
N GLU B 45 -13.58 -12.52 21.58
CA GLU B 45 -14.37 -13.04 20.46
C GLU B 45 -14.44 -12.08 19.28
N ALA B 46 -13.73 -10.95 19.33
CA ALA B 46 -13.67 -9.98 18.24
C ALA B 46 -12.83 -10.47 17.06
N GLU B 47 -13.21 -10.01 15.86
CA GLU B 47 -12.45 -10.35 14.66
C GLU B 47 -11.02 -9.79 14.67
N GLU B 48 -10.84 -8.59 15.21
CA GLU B 48 -9.51 -8.01 15.37
C GLU B 48 -9.26 -7.73 16.85
N PRO B 49 -8.85 -8.75 17.60
CA PRO B 49 -8.70 -8.59 19.05
C PRO B 49 -7.86 -7.41 19.48
N ALA B 50 -6.66 -7.31 18.90
CA ALA B 50 -5.73 -6.27 19.30
C ALA B 50 -6.29 -4.89 18.98
N LEU B 51 -6.85 -4.73 17.79
CA LEU B 51 -7.39 -3.45 17.37
C LEU B 51 -8.67 -3.14 18.14
N PHE B 52 -9.48 -4.16 18.39
CA PHE B 52 -10.64 -3.98 19.26
C PHE B 52 -10.21 -3.45 20.63
N TYR B 53 -9.23 -4.11 21.25
CA TYR B 53 -8.77 -3.71 22.56
C TYR B 53 -8.21 -2.29 22.58
N ALA B 54 -7.35 -1.96 21.61
CA ALA B 54 -6.80 -0.60 21.53
C ALA B 54 -7.90 0.45 21.44
N GLY B 55 -8.91 0.19 20.62
CA GLY B 55 -10.00 1.14 20.48
C GLY B 55 -10.79 1.25 21.76
N VAL B 56 -11.13 0.10 22.35
CA VAL B 56 -11.85 0.07 23.62
C VAL B 56 -11.07 0.81 24.71
N LYS B 57 -9.76 0.54 24.84
CA LYS B 57 -8.97 1.25 25.84
C LYS B 57 -9.02 2.74 25.58
N ALA B 58 -9.05 3.11 24.30
CA ALA B 58 -9.15 4.52 23.93
C ALA B 58 -10.50 5.07 24.37
N TRP B 59 -11.57 4.31 24.16
CA TRP B 59 -12.90 4.74 24.56
C TRP B 59 -12.94 5.01 26.06
N MET B 60 -12.33 4.11 26.84
CA MET B 60 -12.28 4.30 28.29
C MET B 60 -11.49 5.56 28.61
N ASP B 61 -10.30 5.73 28.00
CA ASP B 61 -9.52 6.93 28.24
C ASP B 61 -10.33 8.18 27.89
N VAL B 62 -11.19 8.10 26.87
CA VAL B 62 -11.99 9.25 26.50
C VAL B 62 -13.05 9.52 27.56
N LYS B 63 -13.70 8.47 28.07
CA LYS B 63 -14.66 8.67 29.14
C LYS B 63 -14.05 9.41 30.32
N GLU B 64 -12.82 9.03 30.71
CA GLU B 64 -12.15 9.64 31.85
C GLU B 64 -11.57 11.00 31.51
N GLY B 65 -11.75 11.45 30.27
CA GLY B 65 -11.27 12.73 29.81
C GLY B 65 -9.80 12.74 29.46
N LYS B 66 -9.16 11.59 29.37
CA LYS B 66 -7.76 11.53 29.06
C LYS B 66 -7.50 11.72 27.56
N PRO B 67 -6.37 12.31 27.21
CA PRO B 67 -6.03 12.44 25.79
C PRO B 67 -5.71 11.05 25.20
N ILE B 68 -5.93 10.92 23.88
CA ILE B 68 -5.68 9.67 23.17
C ILE B 68 -4.91 9.89 21.88
N GLY B 69 -4.19 8.85 21.47
CA GLY B 69 -3.41 8.88 20.25
C GLY B 69 -3.93 7.86 19.25
N TYR B 70 -4.99 7.17 19.64
CA TYR B 70 -5.57 6.11 18.84
C TYR B 70 -6.31 6.63 17.63
N PRO B 71 -5.96 6.22 16.42
CA PRO B 71 -6.69 6.70 15.25
C PRO B 71 -7.72 5.69 14.81
N VAL B 72 -8.92 6.14 14.50
CA VAL B 72 -9.93 5.21 14.06
C VAL B 72 -9.69 4.95 12.57
N ALA B 73 -10.25 3.87 12.08
CA ALA B 73 -10.00 3.49 10.71
C ALA B 73 -11.30 3.53 9.90
N LEU B 74 -11.24 4.14 8.74
CA LEU B 74 -12.36 4.12 7.81
C LEU B 74 -11.81 3.61 6.49
N ASP B 75 -12.41 2.54 5.97
CA ASP B 75 -11.96 1.87 4.77
C ASP B 75 -12.88 2.13 3.58
N ALA B 76 -12.27 2.32 2.41
CA ALA B 76 -12.97 2.32 1.12
C ALA B 76 -13.60 0.96 0.87
N THR B 77 -14.86 0.96 0.47
CA THR B 77 -15.55 -0.27 0.08
C THR B 77 -15.30 -0.55 -1.39
N SER B 78 -14.32 -1.41 -1.68
CA SER B 78 -13.91 -1.73 -3.06
C SER B 78 -13.36 -0.49 -3.78
N SER B 79 -12.28 0.06 -3.24
CA SER B 79 -11.54 1.14 -3.87
C SER B 79 -11.51 1.08 -5.39
N GLY B 80 -11.03 -0.02 -5.94
CA GLY B 80 -10.85 -0.11 -7.39
C GLY B 80 -12.13 0.07 -8.19
N LEU B 81 -13.18 -0.65 -7.79
CA LEU B 81 -14.47 -0.54 -8.47
C LEU B 81 -15.01 0.88 -8.35
N GLN B 82 -14.77 1.53 -7.20
CA GLN B 82 -15.21 2.90 -6.99
C GLN B 82 -14.55 3.82 -8.01
N ILE B 83 -13.23 3.66 -8.17
CA ILE B 83 -12.46 4.47 -9.12
C ILE B 83 -12.90 4.17 -10.58
N LEU B 84 -13.09 2.90 -10.93
CA LEU B 84 -13.53 2.63 -12.29
C LEU B 84 -14.93 3.18 -12.53
N ALA B 85 -15.82 3.06 -11.51
CA ALA B 85 -17.15 3.66 -11.61
C ALA B 85 -17.07 5.17 -11.83
N CYS B 86 -16.17 5.87 -11.12
CA CYS B 86 -16.05 7.31 -11.27
C CYS B 86 -15.43 7.70 -12.60
N LEU B 87 -14.43 6.94 -13.07
CA LEU B 87 -13.75 7.29 -14.31
C LEU B 87 -14.72 7.22 -15.48
N THR B 88 -15.60 6.20 -15.48
CA THR B 88 -16.53 5.90 -16.56
C THR B 88 -17.93 6.47 -16.39
N GLY B 89 -18.22 7.09 -15.25
CA GLY B 89 -19.55 7.64 -15.01
C GLY B 89 -20.61 6.56 -14.93
N ASP B 90 -20.26 5.40 -14.39
CA ASP B 90 -21.15 4.24 -14.38
C ASP B 90 -22.01 4.24 -13.13
N ARG B 91 -23.18 4.86 -13.21
CA ARG B 91 -24.07 4.96 -12.03
C ARG B 91 -24.44 3.59 -11.46
N ARG B 92 -24.59 2.58 -12.30
CA ARG B 92 -24.91 1.28 -11.75
C ARG B 92 -23.75 0.69 -10.96
N ALA B 93 -22.52 0.85 -11.46
CA ALA B 93 -21.38 0.35 -10.70
C ALA B 93 -21.24 1.14 -9.42
N ALA B 94 -21.50 2.44 -9.49
CA ALA B 94 -21.38 3.26 -8.30
C ALA B 94 -22.31 2.74 -7.22
N GLU B 95 -23.48 2.24 -7.60
CA GLU B 95 -24.41 1.78 -6.58
C GLU B 95 -23.96 0.45 -5.99
N LEU B 96 -23.09 -0.28 -6.66
CA LEU B 96 -22.59 -1.53 -6.09
C LEU B 96 -21.67 -1.29 -4.92
N CYS B 97 -21.01 -0.13 -4.88
CA CYS B 97 -19.79 0.04 -4.08
C CYS B 97 -19.76 1.37 -3.34
N ASN B 98 -20.94 1.97 -3.10
CA ASN B 98 -21.13 3.13 -2.23
C ASN B 98 -20.58 4.43 -2.80
N VAL B 99 -20.35 4.51 -4.12
CA VAL B 99 -19.97 5.78 -4.73
C VAL B 99 -21.13 6.76 -4.73
N VAL B 100 -22.35 6.24 -4.89
CA VAL B 100 -23.57 6.98 -4.67
C VAL B 100 -24.47 6.09 -3.81
N ASN B 101 -25.44 6.72 -3.15
CA ASN B 101 -26.33 6.00 -2.26
C ASN B 101 -27.25 4.99 -2.98
N TYR B 102 -27.42 3.81 -2.37
CA TYR B 102 -28.46 2.83 -2.72
C TYR B 102 -29.44 2.69 -1.57
N ARG B 103 -30.74 2.80 -1.87
CA ARG B 103 -31.78 2.59 -0.89
C ARG B 103 -32.61 1.35 -1.20
N ASP B 104 -32.96 0.57 -0.18
CA ASP B 104 -33.90 -0.53 -0.35
C ASP B 104 -35.34 0.00 -0.35
N GLU B 105 -36.34 -0.88 -0.48
CA GLU B 105 -37.71 -0.38 -0.59
C GLU B 105 -38.11 0.47 0.62
N SER B 106 -37.69 0.06 1.84
CA SER B 106 -37.89 0.91 3.02
C SER B 106 -37.34 2.32 2.81
N GLY B 107 -36.31 2.46 1.97
CA GLY B 107 -35.69 3.75 1.72
C GLY B 107 -34.51 4.14 2.57
N LYS B 108 -33.99 3.24 3.40
CA LYS B 108 -32.80 3.52 4.20
C LYS B 108 -31.55 3.39 3.31
N VAL B 109 -30.60 4.33 3.45
CA VAL B 109 -29.31 4.20 2.75
C VAL B 109 -28.54 3.01 3.29
N LYS B 110 -28.19 2.07 2.40
CA LYS B 110 -27.49 0.87 2.80
C LYS B 110 -25.99 0.90 2.47
N ARG B 111 -25.21 0.25 3.33
CA ARG B 111 -23.78 -0.02 3.17
C ARG B 111 -23.70 -1.24 2.28
N ARG B 112 -23.45 -1.02 0.99
CA ARG B 112 -23.45 -2.11 0.02
C ARG B 112 -22.10 -2.83 -0.03
N ASP B 113 -22.16 -4.13 -0.29
CA ASP B 113 -20.97 -4.97 -0.43
C ASP B 113 -21.09 -5.54 -1.85
N ALA B 114 -20.45 -4.84 -2.80
CA ALA B 114 -20.53 -5.18 -4.20
C ALA B 114 -20.44 -6.67 -4.46
N TYR B 115 -19.49 -7.33 -3.81
CA TYR B 115 -19.30 -8.74 -4.12
C TYR B 115 -20.53 -9.55 -3.74
N THR B 116 -21.17 -9.22 -2.61
CA THR B 116 -22.41 -9.89 -2.23
C THR B 116 -23.54 -9.58 -3.19
N VAL B 117 -23.71 -8.31 -3.58
CA VAL B 117 -24.76 -7.92 -4.51
C VAL B 117 -24.70 -8.79 -5.77
N ILE B 118 -23.50 -8.87 -6.38
CA ILE B 118 -23.30 -9.68 -7.58
C ILE B 118 -23.44 -11.18 -7.30
N TYR B 119 -23.09 -11.62 -6.08
CA TYR B 119 -23.30 -13.03 -5.73
C TYR B 119 -24.79 -13.33 -5.73
N ASN B 120 -25.58 -12.44 -5.12
CA ASN B 120 -27.02 -12.62 -5.11
C ASN B 120 -27.57 -12.60 -6.53
N LYS B 121 -27.18 -11.62 -7.34
CA LYS B 121 -27.68 -11.57 -8.73
C LYS B 121 -27.37 -12.85 -9.49
N MET B 122 -26.23 -13.47 -9.22
CA MET B 122 -25.85 -14.68 -9.94
C MET B 122 -26.66 -15.90 -9.49
N LEU B 123 -26.90 -16.06 -8.17
CA LEU B 123 -27.78 -17.13 -7.72
C LEU B 123 -29.20 -16.91 -8.20
N ASN B 124 -29.65 -15.64 -8.19
CA ASN B 124 -31.01 -15.34 -8.59
C ASN B 124 -31.30 -15.80 -10.01
N THR B 125 -30.34 -15.66 -10.92
CA THR B 125 -30.67 -16.06 -12.27
C THR B 125 -30.24 -17.50 -12.53
N LEU B 126 -29.10 -17.93 -11.97
CA LEU B 126 -28.69 -19.32 -12.14
C LEU B 126 -29.69 -20.28 -11.49
N GLY B 127 -30.24 -19.89 -10.33
CA GLY B 127 -31.25 -20.67 -9.64
C GLY B 127 -30.97 -22.12 -9.30
N LYS B 128 -31.97 -22.76 -8.69
CA LYS B 128 -32.23 -24.21 -8.73
C LYS B 128 -30.94 -25.03 -8.57
N GLY B 129 -30.27 -24.75 -7.45
CA GLY B 129 -29.13 -25.51 -6.98
C GLY B 129 -27.78 -24.99 -7.38
N ALA B 130 -27.66 -23.71 -7.76
CA ALA B 130 -26.44 -23.22 -8.39
C ALA B 130 -25.23 -23.58 -7.55
N ARG B 131 -24.35 -24.41 -8.11
CA ARG B 131 -23.22 -24.90 -7.36
C ARG B 131 -22.11 -23.87 -7.33
N ILE B 132 -22.33 -22.78 -6.59
CA ILE B 132 -21.30 -21.75 -6.51
C ILE B 132 -21.30 -21.06 -5.16
N LYS B 133 -20.11 -20.99 -4.56
CA LYS B 133 -19.85 -20.38 -3.25
C LYS B 133 -19.55 -18.89 -3.39
N ARG B 134 -20.03 -18.13 -2.40
CA ARG B 134 -19.99 -16.66 -2.44
C ARG B 134 -18.54 -16.15 -2.58
N ASN B 135 -17.60 -16.80 -1.88
CA ASN B 135 -16.21 -16.35 -1.96
C ASN B 135 -15.55 -16.75 -3.27
N ASP B 136 -15.94 -17.87 -3.89
CA ASP B 136 -15.39 -18.17 -5.21
C ASP B 136 -15.82 -17.08 -6.17
N CYS B 137 -16.98 -16.51 -5.94
CA CYS B 137 -17.50 -15.43 -6.77
C CYS B 137 -16.76 -14.13 -6.55
N LYS B 138 -16.45 -13.80 -5.28
CA LYS B 138 -15.69 -12.59 -4.98
C LYS B 138 -14.28 -12.60 -5.59
N GLN B 139 -13.57 -13.74 -5.49
CA GLN B 139 -12.27 -13.86 -6.14
C GLN B 139 -12.34 -13.61 -7.65
N ALA B 140 -13.31 -14.23 -8.31
CA ALA B 140 -13.45 -14.03 -9.76
C ALA B 140 -13.69 -12.56 -10.09
N ILE B 141 -14.55 -11.88 -9.32
CA ILE B 141 -14.84 -10.49 -9.60
C ILE B 141 -13.58 -9.65 -9.44
N MET B 142 -12.94 -9.75 -8.27
CA MET B 142 -11.83 -8.86 -7.95
C MET B 142 -10.60 -9.15 -8.83
N THR B 143 -10.36 -10.40 -9.21
CA THR B 143 -9.25 -10.64 -10.12
C THR B 143 -9.60 -10.12 -11.52
N ALA B 144 -10.87 -10.16 -11.90
CA ALA B 144 -11.27 -9.65 -13.21
C ALA B 144 -11.01 -8.15 -13.32
N LEU B 145 -11.42 -7.38 -12.29
CA LEU B 145 -11.23 -5.93 -12.30
C LEU B 145 -9.77 -5.54 -12.38
N TYR B 146 -8.87 -6.44 -12.04
CA TYR B 146 -7.46 -6.19 -12.20
C TYR B 146 -6.97 -6.84 -13.50
N GLY B 147 -7.91 -7.38 -14.32
CA GLY B 147 -7.64 -7.89 -15.65
C GLY B 147 -7.53 -9.39 -15.86
N SER B 148 -7.79 -10.22 -14.84
CA SER B 148 -7.69 -11.67 -15.02
C SER B 148 -8.80 -12.29 -15.87
N GLU B 149 -8.41 -13.14 -16.82
CA GLU B 149 -9.40 -13.94 -17.52
C GLU B 149 -9.36 -15.41 -17.09
N ALA B 150 -8.26 -15.84 -16.49
CA ALA B 150 -7.99 -17.23 -16.11
C ALA B 150 -8.75 -17.68 -14.85
N LYS B 151 -8.87 -16.76 -13.88
CA LYS B 151 -9.47 -17.07 -12.58
C LYS B 151 -11.00 -17.17 -12.62
N PRO B 152 -11.74 -16.28 -13.32
CA PRO B 152 -13.16 -16.56 -13.52
C PRO B 152 -13.41 -17.79 -14.36
N LYS B 153 -12.55 -18.08 -15.33
CA LYS B 153 -12.66 -19.33 -16.08
C LYS B 153 -12.48 -20.55 -15.17
N GLU B 154 -11.88 -20.38 -13.99
CA GLU B 154 -11.59 -21.45 -13.05
C GLU B 154 -12.71 -21.64 -12.04
N VAL B 155 -13.39 -20.55 -11.69
CA VAL B 155 -14.47 -20.60 -10.71
C VAL B 155 -15.78 -20.96 -11.38
N PHE B 156 -15.92 -20.60 -12.65
CA PHE B 156 -17.17 -20.72 -13.38
C PHE B 156 -17.06 -21.68 -14.54
N GLY B 157 -15.92 -22.34 -14.72
CA GLY B 157 -15.73 -23.14 -15.89
C GLY B 157 -15.68 -22.22 -17.09
N GLU B 158 -15.80 -22.82 -18.27
CA GLU B 158 -15.81 -22.03 -19.49
C GLU B 158 -17.15 -22.15 -20.19
N GLY B 159 -18.18 -22.53 -19.46
CA GLY B 159 -19.45 -22.74 -20.08
C GLY B 159 -20.47 -21.69 -19.68
N ILE B 160 -21.68 -22.18 -19.38
CA ILE B 160 -22.84 -21.34 -19.13
C ILE B 160 -22.67 -20.56 -17.83
N MET B 161 -21.97 -21.12 -16.87
CA MET B 161 -21.80 -20.38 -15.63
C MET B 161 -20.98 -19.14 -15.89
N LEU B 162 -19.91 -19.29 -16.67
CA LEU B 162 -19.11 -18.13 -17.05
C LEU B 162 -19.96 -17.14 -17.81
N ASN B 163 -20.76 -17.63 -18.75
CA ASN B 163 -21.65 -16.77 -19.52
C ASN B 163 -22.57 -15.94 -18.64
N VAL B 164 -23.20 -16.59 -17.64
CA VAL B 164 -24.03 -15.85 -16.71
C VAL B 164 -23.20 -14.85 -15.90
N PHE B 165 -21.97 -15.22 -15.54
CA PHE B 165 -21.12 -14.29 -14.77
C PHE B 165 -20.83 -13.00 -15.55
N GLU B 166 -20.45 -13.12 -16.82
CA GLU B 166 -20.19 -11.89 -17.61
C GLU B 166 -21.47 -11.12 -17.90
N SER B 167 -22.58 -11.84 -18.06
CA SER B 167 -23.85 -11.15 -18.27
C SER B 167 -24.23 -10.33 -17.06
N THR B 168 -24.10 -10.91 -15.87
CA THR B 168 -24.42 -10.18 -14.65
C THR B 168 -23.58 -8.92 -14.52
N MET B 169 -22.27 -9.06 -14.76
CA MET B 169 -21.38 -7.93 -14.67
C MET B 169 -21.75 -6.83 -15.65
N ASN B 170 -22.19 -7.21 -16.84
CA ASN B 170 -22.50 -6.23 -17.86
C ASN B 170 -23.80 -5.47 -17.59
N VAL B 171 -24.73 -6.04 -16.84
CA VAL B 171 -25.88 -5.24 -16.47
C VAL B 171 -25.58 -4.39 -15.23
N GLU B 172 -24.87 -4.96 -14.23
CA GLU B 172 -24.60 -4.23 -12.97
C GLU B 172 -23.55 -3.13 -13.10
N ALA B 173 -22.68 -3.21 -14.09
CA ALA B 173 -21.65 -2.20 -14.23
C ALA B 173 -21.17 -2.16 -15.68
N PRO B 174 -22.01 -1.71 -16.62
CA PRO B 174 -21.67 -1.81 -18.05
C PRO B 174 -20.40 -1.10 -18.46
N ALA B 175 -20.29 0.18 -18.07
CA ALA B 175 -19.16 1.01 -18.45
C ALA B 175 -17.88 0.60 -17.75
N VAL B 176 -17.96 0.27 -16.46
CA VAL B 176 -16.78 -0.25 -15.76
C VAL B 176 -16.27 -1.49 -16.45
N TRP B 177 -17.17 -2.43 -16.73
CA TRP B 177 -16.76 -3.69 -17.36
C TRP B 177 -16.28 -3.45 -18.79
N GLU B 178 -16.95 -2.59 -19.56
CA GLU B 178 -16.50 -2.27 -20.91
C GLU B 178 -15.09 -1.68 -20.88
N LEU B 179 -14.80 -0.84 -19.89
CA LEU B 179 -13.48 -0.24 -19.77
C LEU B 179 -12.42 -1.29 -19.44
N ASN B 180 -12.73 -2.24 -18.57
CA ASN B 180 -11.77 -3.29 -18.30
C ASN B 180 -11.49 -4.08 -19.55
N LYS B 181 -12.55 -4.45 -20.25
CA LYS B 181 -12.49 -5.00 -21.59
C LYS B 181 -11.49 -4.25 -22.44
N PHE B 182 -11.67 -2.93 -22.51
CA PHE B 182 -10.86 -2.09 -23.38
C PHE B 182 -9.38 -2.14 -23.00
N TRP B 183 -9.06 -2.04 -21.70
CA TRP B 183 -7.66 -2.03 -21.27
C TRP B 183 -6.86 -3.21 -21.82
N LEU B 184 -7.46 -4.41 -21.85
CA LEU B 184 -6.81 -5.59 -22.46
C LEU B 184 -6.35 -5.34 -23.89
N GLN B 185 -7.16 -4.63 -24.69
CA GLN B 185 -6.82 -4.44 -26.09
C GLN B 185 -5.97 -3.20 -26.29
N CYS B 186 -5.30 -2.77 -25.23
CA CYS B 186 -4.54 -1.54 -25.18
C CYS B 186 -3.05 -1.78 -25.08
N GLY B 187 -2.62 -3.03 -24.96
CA GLY B 187 -1.19 -3.28 -24.98
C GLY B 187 -0.56 -2.93 -26.32
N ASN B 188 0.68 -2.49 -26.24
CA ASN B 188 1.50 -2.21 -27.40
C ASN B 188 2.58 -3.27 -27.57
N PRO B 189 2.55 -4.06 -28.64
CA PRO B 189 3.56 -5.11 -28.79
C PRO B 189 4.98 -4.59 -29.00
N GLU B 190 5.18 -3.30 -29.26
CA GLU B 190 6.53 -2.75 -29.45
C GLU B 190 7.13 -2.09 -28.22
N ALA B 191 6.36 -1.94 -27.14
CA ALA B 191 6.74 -1.12 -26.00
C ALA B 191 7.54 -1.90 -24.95
N PHE B 192 8.62 -1.29 -24.47
CA PHE B 192 9.43 -1.79 -23.38
C PHE B 192 9.01 -1.22 -22.03
N VAL B 193 8.20 -0.16 -22.03
CA VAL B 193 7.84 0.57 -20.82
C VAL B 193 6.62 1.44 -21.13
N TYR B 194 5.75 1.58 -20.14
CA TYR B 194 4.63 2.50 -20.24
C TYR B 194 4.92 3.64 -19.27
N HIS B 195 4.51 4.83 -19.63
CA HIS B 195 4.72 6.02 -18.80
C HIS B 195 3.49 6.89 -18.84
N TRP B 196 3.04 7.34 -17.67
CA TRP B 196 2.01 8.37 -17.63
C TRP B 196 2.20 9.24 -16.41
N VAL B 197 1.71 10.48 -16.48
CA VAL B 197 1.81 11.45 -15.41
C VAL B 197 0.47 11.64 -14.75
N MET B 198 0.46 11.62 -13.44
CA MET B 198 -0.75 11.89 -12.72
C MET B 198 -0.95 13.40 -12.63
N PRO B 199 -2.17 13.86 -12.31
CA PRO B 199 -2.39 15.31 -12.28
C PRO B 199 -1.69 16.01 -11.16
N ASP B 200 -1.08 15.29 -10.22
CA ASP B 200 -0.29 15.94 -9.18
C ASP B 200 1.19 15.81 -9.45
N GLY B 201 1.55 15.30 -10.63
CA GLY B 201 2.90 15.29 -11.13
C GLY B 201 3.66 14.00 -10.96
N PHE B 202 3.07 12.98 -10.34
CA PHE B 202 3.76 11.71 -10.16
C PHE B 202 3.96 11.04 -11.51
N ASN B 203 5.20 10.67 -11.80
CA ASN B 203 5.53 9.97 -13.03
C ASN B 203 5.48 8.47 -12.81
N VAL B 204 4.55 7.82 -13.50
CA VAL B 204 4.43 6.37 -13.44
C VAL B 204 5.17 5.81 -14.64
N TYR B 205 6.17 4.96 -14.38
CA TYR B 205 6.89 4.21 -15.40
C TYR B 205 6.72 2.71 -15.11
N ILE B 206 6.19 1.96 -16.06
CA ILE B 206 6.04 0.51 -15.93
C ILE B 206 6.94 -0.17 -16.96
N LYS B 207 8.04 -0.78 -16.51
CA LYS B 207 8.89 -1.55 -17.40
C LYS B 207 8.27 -2.92 -17.70
N VAL B 208 8.28 -3.31 -18.96
CA VAL B 208 7.71 -4.60 -19.34
C VAL B 208 8.75 -5.69 -19.08
N MET B 209 8.43 -6.59 -18.15
CA MET B 209 9.34 -7.64 -17.74
C MET B 209 8.70 -8.95 -18.13
N VAL B 210 9.37 -9.71 -18.99
CA VAL B 210 8.84 -10.94 -19.54
C VAL B 210 9.73 -12.08 -19.08
N ASN B 211 9.13 -13.25 -18.89
CA ASN B 211 9.83 -14.47 -18.48
C ASN B 211 10.78 -15.00 -19.55
N GLU B 212 12.06 -15.19 -19.17
CA GLU B 212 13.08 -15.88 -19.93
C GLU B 212 13.38 -17.19 -19.20
N VAL B 213 13.15 -18.33 -19.87
CA VAL B 213 13.33 -19.63 -19.22
C VAL B 213 14.53 -20.36 -19.81
N GLU B 214 15.60 -20.45 -19.02
CA GLU B 214 16.72 -21.30 -19.37
C GLU B 214 16.46 -22.67 -18.76
N THR B 215 16.62 -23.72 -19.54
CA THR B 215 16.38 -25.07 -19.06
C THR B 215 17.72 -25.68 -18.68
N VAL B 216 17.73 -26.52 -17.63
CA VAL B 216 18.98 -26.96 -17.03
C VAL B 216 18.90 -28.44 -16.68
N HIS B 217 20.05 -29.13 -16.76
CA HIS B 217 20.14 -30.52 -16.36
C HIS B 217 21.00 -30.66 -15.11
N PHE B 218 20.49 -31.41 -14.14
CA PHE B 218 21.16 -31.67 -12.87
C PHE B 218 20.84 -33.12 -12.51
N LEU B 219 21.84 -34.00 -12.67
CA LEU B 219 21.69 -35.46 -12.63
C LEU B 219 20.86 -35.98 -13.81
N ASP B 220 21.10 -35.41 -15.01
CA ASP B 220 20.41 -35.81 -16.26
C ASP B 220 18.88 -35.73 -16.14
N LYS B 221 18.36 -34.97 -15.16
CA LYS B 221 16.96 -34.63 -15.01
C LYS B 221 16.73 -33.12 -15.29
N PRO B 222 15.60 -32.75 -15.92
CA PRO B 222 15.38 -31.34 -16.31
C PRO B 222 14.73 -30.43 -15.28
N TYR B 223 15.25 -29.19 -15.21
CA TYR B 223 14.75 -28.12 -14.34
C TYR B 223 14.64 -26.81 -15.12
N ASP B 224 13.49 -26.14 -15.01
CA ASP B 224 13.22 -24.88 -15.67
C ASP B 224 13.57 -23.66 -14.81
N CYS B 225 14.45 -22.78 -15.33
CA CYS B 225 14.95 -21.63 -14.58
C CYS B 225 14.45 -20.31 -15.18
N VAL B 226 13.38 -19.78 -14.59
CA VAL B 226 12.67 -18.61 -15.11
C VAL B 226 13.12 -17.35 -14.36
N ARG B 227 13.59 -16.36 -15.10
CA ARG B 227 13.97 -15.07 -14.56
C ARG B 227 13.31 -13.93 -15.32
N LYS B 228 12.67 -13.02 -14.60
CA LYS B 228 12.09 -11.83 -15.22
C LYS B 228 13.16 -11.05 -16.01
N VAL B 229 12.90 -10.81 -17.29
CA VAL B 229 13.81 -10.02 -18.12
C VAL B 229 12.99 -8.94 -18.82
N GLN B 230 13.60 -7.78 -19.07
CA GLN B 230 12.90 -6.74 -19.82
C GLN B 230 12.67 -7.15 -21.28
N GLY B 231 11.46 -6.91 -21.76
CA GLY B 231 11.11 -7.30 -23.12
C GLY B 231 9.80 -6.68 -23.56
N THR B 232 9.16 -7.35 -24.53
CA THR B 232 7.84 -6.95 -25.03
C THR B 232 6.89 -8.15 -24.97
N GLU B 233 5.62 -7.91 -25.30
CA GLU B 233 4.59 -8.94 -25.27
C GLU B 233 3.44 -8.48 -26.17
N GLU B 234 2.74 -9.46 -26.78
CA GLU B 234 1.72 -9.09 -27.75
C GLU B 234 0.52 -8.42 -27.08
N LYS B 235 -0.14 -9.10 -26.14
CA LYS B 235 -1.12 -8.40 -25.33
C LYS B 235 -0.45 -8.05 -24.00
N THR B 236 -1.11 -7.23 -23.19
CA THR B 236 -0.70 -7.11 -21.80
C THR B 236 -1.91 -6.83 -20.96
N ARG B 237 -1.93 -7.49 -19.81
CA ARG B 237 -3.03 -7.56 -18.88
C ARG B 237 -2.83 -6.69 -17.64
N MET B 238 -1.82 -5.83 -17.63
CA MET B 238 -1.41 -5.10 -16.44
C MET B 238 -2.02 -3.70 -16.34
N LEU B 239 -2.54 -3.13 -17.43
CA LEU B 239 -2.85 -1.70 -17.43
C LEU B 239 -4.01 -1.36 -16.52
N SER B 240 -5.03 -2.22 -16.46
CA SER B 240 -6.15 -1.87 -15.61
C SER B 240 -5.71 -1.79 -14.17
N ALA B 241 -4.94 -2.77 -13.70
CA ALA B 241 -4.51 -2.74 -12.31
C ALA B 241 -3.61 -1.55 -12.05
N ASN B 242 -2.58 -1.37 -12.88
CA ASN B 242 -1.61 -0.29 -12.65
C ASN B 242 -2.23 1.10 -12.79
N THR B 243 -3.06 1.35 -13.80
CA THR B 243 -3.67 2.68 -13.88
C THR B 243 -4.59 2.91 -12.69
N THR B 244 -5.49 1.96 -12.42
CA THR B 244 -6.38 2.13 -11.27
C THR B 244 -5.60 2.31 -9.98
N HIS B 245 -4.54 1.54 -9.77
CA HIS B 245 -3.77 1.71 -8.55
C HIS B 245 -3.05 3.03 -8.50
N SER B 246 -2.64 3.55 -9.66
CA SER B 246 -1.96 4.84 -9.66
C SER B 246 -2.91 5.91 -9.19
N ILE B 247 -4.21 5.70 -9.44
CA ILE B 247 -5.22 6.70 -9.08
C ILE B 247 -5.57 6.61 -7.59
N ASP B 248 -5.70 5.40 -7.02
CA ASP B 248 -5.92 5.37 -5.58
C ASP B 248 -4.68 5.88 -4.86
N GLY B 249 -3.50 5.64 -5.44
CA GLY B 249 -2.28 6.25 -4.95
C GLY B 249 -2.39 7.76 -4.91
N LEU B 250 -2.86 8.35 -6.01
CA LEU B 250 -3.11 9.77 -6.11
C LEU B 250 -4.10 10.24 -5.06
N VAL B 251 -5.20 9.50 -4.90
CA VAL B 251 -6.20 9.89 -3.92
C VAL B 251 -5.58 9.95 -2.52
N VAL B 252 -4.69 9.00 -2.21
CA VAL B 252 -3.98 9.01 -0.93
C VAL B 252 -3.09 10.24 -0.80
N ARG B 253 -2.22 10.48 -1.78
CA ARG B 253 -1.35 11.65 -1.69
C ARG B 253 -2.17 12.92 -1.51
N GLU B 254 -3.22 13.07 -2.32
CA GLU B 254 -3.95 14.32 -2.29
C GLU B 254 -4.78 14.46 -1.03
N LEU B 255 -5.41 13.36 -0.59
CA LEU B 255 -6.16 13.38 0.67
C LEU B 255 -5.26 13.79 1.83
N VAL B 256 -4.03 13.28 1.86
CA VAL B 256 -3.11 13.62 2.93
C VAL B 256 -2.68 15.08 2.78
N ARG B 257 -2.58 15.58 1.54
CA ARG B 257 -2.30 17.00 1.32
C ARG B 257 -3.40 17.89 1.85
N ARG B 258 -4.65 17.47 1.70
CA ARG B 258 -5.73 18.35 2.10
C ARG B 258 -6.04 18.31 3.58
N CYS B 259 -5.70 17.22 4.25
CA CYS B 259 -5.96 17.01 5.67
C CYS B 259 -4.79 17.44 6.53
N ASP B 260 -3.59 17.02 6.16
CA ASP B 260 -2.41 17.27 6.99
C ASP B 260 -1.67 18.49 6.44
N TYR B 261 -2.31 19.65 6.49
CA TYR B 261 -1.75 20.80 5.79
C TYR B 261 -0.99 21.72 6.75
N ASP B 262 -0.18 22.59 6.17
CA ASP B 262 0.61 23.56 6.94
C ASP B 262 -0.25 24.80 7.03
N LYS B 263 -0.70 25.12 8.24
CA LYS B 263 -1.66 26.21 8.35
C LYS B 263 -1.03 27.52 7.88
N ASN B 264 0.28 27.70 8.12
CA ASN B 264 0.96 28.93 7.68
C ASN B 264 1.07 29.01 6.15
N GLN B 265 1.29 27.89 5.46
CA GLN B 265 1.22 27.91 4.01
C GLN B 265 -0.17 28.31 3.54
N ILE B 266 -1.21 27.77 4.16
CA ILE B 266 -2.57 28.12 3.75
C ILE B 266 -2.81 29.62 3.84
N GLU B 267 -2.41 30.24 4.94
CA GLU B 267 -2.69 31.67 5.08
C GLU B 267 -1.91 32.51 4.07
N TYR B 268 -0.65 32.15 3.78
CA TYR B 268 0.11 32.79 2.71
C TYR B 268 -0.58 32.69 1.36
N ILE B 269 -1.05 31.50 0.98
CA ILE B 269 -1.70 31.36 -0.30
C ILE B 269 -2.96 32.19 -0.33
N LYS B 270 -3.67 32.27 0.80
CA LYS B 270 -4.89 33.07 0.85
C LYS B 270 -4.59 34.55 0.61
N ALA B 271 -3.55 35.08 1.25
CA ALA B 271 -3.17 36.47 0.99
C ALA B 271 -2.67 36.61 -0.45
N LEU B 272 -1.82 35.68 -0.88
CA LEU B 272 -1.30 35.72 -2.24
C LEU B 272 -2.44 35.77 -3.24
N CYS B 273 -3.49 34.97 -3.01
CA CYS B 273 -4.63 35.01 -3.91
C CYS B 273 -5.35 36.35 -3.86
N ASN B 274 -5.29 37.06 -2.72
CA ASN B 274 -5.94 38.36 -2.53
C ASN B 274 -4.98 39.53 -2.68
N GLY B 275 -3.83 39.31 -3.30
CA GLY B 275 -2.87 40.38 -3.55
C GLY B 275 -2.22 41.01 -2.34
N GLU B 276 -2.22 40.36 -1.18
CA GLU B 276 -1.72 40.97 0.05
C GLU B 276 -0.41 40.41 0.55
N ALA B 277 0.29 39.59 -0.24
CA ALA B 277 1.53 38.98 0.22
C ALA B 277 2.73 39.84 -0.16
N GLU B 278 3.72 39.92 0.72
CA GLU B 278 4.95 40.61 0.34
C GLU B 278 5.57 39.94 -0.88
N TYR B 279 6.15 40.74 -1.77
CA TYR B 279 6.68 40.21 -3.02
C TYR B 279 7.77 39.17 -2.78
N LYS B 280 7.61 38.02 -3.43
CA LYS B 280 8.52 36.90 -3.35
C LYS B 280 8.34 36.15 -4.65
N ALA B 281 9.45 35.81 -5.30
CA ALA B 281 9.37 35.16 -6.59
C ALA B 281 10.63 34.33 -6.82
N SER B 282 10.42 33.14 -7.37
CA SER B 282 11.51 32.29 -7.80
C SER B 282 11.23 31.74 -9.19
N GLU B 283 12.19 31.92 -10.09
CA GLU B 283 12.02 31.49 -11.48
C GLU B 283 11.77 30.00 -11.58
N LYS B 284 12.30 29.24 -10.62
CA LYS B 284 12.18 27.78 -10.66
C LYS B 284 10.74 27.31 -10.42
N ASN B 285 9.91 28.13 -9.75
CA ASN B 285 8.50 27.79 -9.52
C ASN B 285 7.64 27.79 -10.79
N TYR B 286 8.03 28.53 -11.81
CA TYR B 286 7.14 28.76 -12.94
C TYR B 286 6.82 27.46 -13.65
N GLY B 287 7.86 26.69 -14.01
CA GLY B 287 7.63 25.46 -14.73
C GLY B 287 6.59 24.57 -14.09
N LYS B 288 6.78 24.27 -12.79
CA LYS B 288 5.86 23.37 -12.07
C LYS B 288 4.47 23.96 -11.89
N ALA B 289 4.39 25.25 -11.55
CA ALA B 289 3.08 25.89 -11.44
C ALA B 289 2.32 25.81 -12.75
N MET B 290 3.03 26.00 -13.86
CA MET B 290 2.41 25.91 -15.17
C MET B 290 1.95 24.50 -15.41
N GLU B 291 2.81 23.54 -15.08
CA GLU B 291 2.52 22.14 -15.32
C GLU B 291 1.28 21.67 -14.55
N LEU B 292 1.22 21.97 -13.26
CA LEU B 292 0.10 21.49 -12.45
C LEU B 292 -1.20 22.17 -12.80
N TRP B 293 -1.16 23.46 -13.14
CA TRP B 293 -2.38 24.15 -13.51
C TRP B 293 -2.92 23.53 -14.79
N GLY B 294 -2.01 23.18 -15.70
CA GLY B 294 -2.42 22.53 -16.93
C GLY B 294 -3.20 21.25 -16.65
N TYR B 295 -2.72 20.43 -15.71
CA TYR B 295 -3.41 19.19 -15.40
C TYR B 295 -4.81 19.50 -14.88
N TYR B 296 -4.94 20.59 -14.11
CA TYR B 296 -6.27 20.97 -13.64
C TYR B 296 -7.15 21.25 -14.84
N GLU B 297 -6.64 22.07 -15.77
CA GLU B 297 -7.39 22.41 -16.99
C GLU B 297 -7.80 21.16 -17.76
N LYS B 298 -6.86 20.20 -17.95
CA LYS B 298 -7.13 19.02 -18.75
C LYS B 298 -7.94 17.95 -18.05
N THR B 299 -8.14 18.04 -16.74
CA THR B 299 -8.59 16.91 -15.94
C THR B 299 -9.62 17.29 -14.89
N GLY B 300 -9.58 18.51 -14.37
CA GLY B 300 -10.48 18.90 -13.32
C GLY B 300 -9.94 18.66 -11.94
N PHE B 301 -8.81 17.97 -11.85
CA PHE B 301 -8.19 17.62 -10.58
C PHE B 301 -7.17 18.70 -10.25
N LEU B 302 -7.58 19.66 -9.40
CA LEU B 302 -6.65 20.68 -8.93
C LEU B 302 -5.98 20.16 -7.67
N THR B 303 -4.67 19.95 -7.74
CA THR B 303 -4.00 19.43 -6.57
C THR B 303 -3.51 20.54 -5.65
N ALA B 304 -3.75 20.35 -4.35
CA ALA B 304 -3.25 21.28 -3.36
C ALA B 304 -1.74 21.31 -3.37
N ARG B 305 -1.10 20.36 -4.06
CA ARG B 305 0.35 20.42 -4.21
C ARG B 305 0.76 21.74 -4.84
N ILE B 306 -0.14 22.35 -5.61
CA ILE B 306 0.21 23.55 -6.36
C ILE B 306 0.61 24.67 -5.40
N PHE B 307 0.09 24.66 -4.15
CA PHE B 307 0.49 25.65 -3.15
C PHE B 307 2.00 25.78 -3.04
N ASP B 308 2.74 24.68 -3.22
CA ASP B 308 4.19 24.68 -3.16
C ASP B 308 4.88 25.55 -4.19
N TYR B 309 4.21 25.91 -5.30
CA TYR B 309 4.87 26.64 -6.38
C TYR B 309 4.24 27.99 -6.67
N LEU B 310 3.23 28.41 -5.90
CA LEU B 310 2.58 29.71 -6.09
C LEU B 310 3.33 30.85 -5.38
N ASP B 311 3.73 31.88 -6.13
CA ASP B 311 4.35 33.07 -5.54
C ASP B 311 3.82 34.30 -6.27
N SER B 312 4.41 35.47 -5.98
CA SER B 312 3.90 36.73 -6.50
C SER B 312 3.76 36.73 -8.02
N GLU B 313 4.71 36.10 -8.73
CA GLU B 313 4.74 36.01 -10.19
C GLU B 313 3.94 34.83 -10.72
N THR B 314 3.94 33.70 -10.02
CA THR B 314 3.33 32.48 -10.53
C THR B 314 1.80 32.46 -10.38
N ILE B 315 1.27 33.15 -9.37
CA ILE B 315 -0.17 33.26 -9.14
C ILE B 315 -0.88 33.90 -10.32
N LYS B 316 -0.14 34.62 -11.16
CA LYS B 316 -0.73 35.29 -12.31
C LYS B 316 -1.19 34.31 -13.37
N LEU B 317 -0.61 33.13 -13.43
CA LEU B 317 -1.01 32.18 -14.45
C LEU B 317 -2.16 31.26 -14.02
N VAL B 318 -2.54 31.27 -12.74
CA VAL B 318 -3.63 30.42 -12.25
C VAL B 318 -4.85 31.32 -12.01
N ASN B 319 -6.00 30.68 -11.90
CA ASN B 319 -7.23 31.39 -11.54
C ASN B 319 -7.35 31.48 -10.04
N THR B 320 -7.14 32.69 -9.49
CA THR B 320 -7.13 32.84 -8.03
C THR B 320 -8.45 32.41 -7.41
N GLN B 321 -9.55 32.46 -8.15
CA GLN B 321 -10.80 32.02 -7.53
C GLN B 321 -10.83 30.53 -7.34
N ASP B 322 -10.23 29.79 -8.26
CA ASP B 322 -10.18 28.33 -8.12
C ASP B 322 -9.30 27.91 -6.94
N ILE B 323 -8.17 28.58 -6.73
CA ILE B 323 -7.30 28.30 -5.59
C ILE B 323 -8.01 28.56 -4.26
N LEU B 324 -8.66 29.70 -4.14
CA LEU B 324 -9.40 29.99 -2.92
C LEU B 324 -10.52 29.00 -2.68
N ASP B 325 -11.24 28.59 -3.73
CA ASP B 325 -12.32 27.60 -3.56
C ASP B 325 -11.79 26.28 -3.01
N LEU B 326 -10.63 25.85 -3.50
CA LEU B 326 -10.00 24.62 -2.99
C LEU B 326 -9.70 24.74 -1.52
N ILE B 327 -8.99 25.79 -1.09
CA ILE B 327 -8.70 25.96 0.33
C ILE B 327 -9.96 25.93 1.20
N GLU B 328 -11.03 26.58 0.74
CA GLU B 328 -12.27 26.63 1.50
C GLU B 328 -12.93 25.27 1.58
N SER B 329 -12.62 24.38 0.64
CA SER B 329 -13.22 23.07 0.74
C SER B 329 -12.48 22.15 1.69
N MET B 330 -11.32 22.64 2.28
CA MET B 330 -10.45 21.82 3.12
C MET B 330 -10.92 21.89 4.57
N PRO B 331 -10.48 20.96 5.43
CA PRO B 331 -10.89 21.00 6.83
C PRO B 331 -10.41 22.24 7.54
N LYS B 332 -11.24 22.74 8.47
CA LYS B 332 -10.88 23.99 9.13
C LYS B 332 -9.75 23.78 10.11
N LYS B 333 -9.60 22.56 10.61
CA LYS B 333 -8.40 22.25 11.36
C LYS B 333 -7.75 21.04 10.73
N PRO B 334 -6.44 21.11 10.49
CA PRO B 334 -5.72 20.01 9.85
C PRO B 334 -5.55 18.83 10.79
N PHE B 335 -5.28 17.66 10.19
CA PHE B 335 -5.04 16.49 11.02
C PHE B 335 -4.16 15.50 10.28
N HIS B 336 -3.49 14.64 11.05
CA HIS B 336 -2.66 13.60 10.46
C HIS B 336 -3.54 12.46 9.98
N VAL B 337 -3.14 11.84 8.87
CA VAL B 337 -3.85 10.71 8.30
C VAL B 337 -2.85 9.61 7.99
N LEU B 338 -3.12 8.39 8.48
CA LEU B 338 -2.30 7.23 8.16
C LEU B 338 -3.06 6.47 7.09
N THR B 339 -2.35 5.92 6.12
CA THR B 339 -3.02 5.32 4.99
C THR B 339 -2.43 3.97 4.64
N VAL B 340 -3.32 3.04 4.33
CA VAL B 340 -2.94 1.74 3.78
C VAL B 340 -3.61 1.58 2.43
N HIS B 341 -3.20 2.42 1.48
CA HIS B 341 -3.62 2.43 0.08
C HIS B 341 -5.07 2.83 -0.10
N ASP B 342 -5.98 2.17 0.59
CA ASP B 342 -7.39 2.55 0.57
C ASP B 342 -8.05 2.38 1.94
N CYS B 343 -7.25 2.22 2.99
CA CYS B 343 -7.67 2.32 4.38
C CYS B 343 -7.18 3.67 4.95
N PHE B 344 -7.99 4.31 5.77
CA PHE B 344 -7.61 5.60 6.33
C PHE B 344 -7.80 5.65 7.84
N ARG B 345 -6.82 6.15 8.56
CA ARG B 345 -6.92 6.23 10.01
C ARG B 345 -6.66 7.66 10.49
N CYS B 346 -7.48 8.17 11.40
CA CYS B 346 -7.21 9.49 11.97
C CYS B 346 -7.84 9.54 13.36
N LEU B 347 -7.45 10.55 14.17
CA LEU B 347 -8.14 10.80 15.43
C LEU B 347 -9.63 10.98 15.17
N PRO B 348 -10.51 10.49 16.05
CA PRO B 348 -11.93 10.47 15.71
C PRO B 348 -12.58 11.84 15.64
N ASN B 349 -12.01 12.88 16.22
CA ASN B 349 -12.63 14.19 16.11
C ASN B 349 -12.40 14.84 14.76
N TYR B 350 -11.87 14.08 13.81
CA TYR B 350 -11.71 14.49 12.42
C TYR B 350 -12.39 13.52 11.46
N GLY B 351 -13.02 12.47 11.97
CA GLY B 351 -13.84 11.58 11.19
C GLY B 351 -14.68 12.19 10.09
N ASN B 352 -15.46 13.21 10.44
CA ASN B 352 -16.30 13.89 9.47
C ASN B 352 -15.48 14.45 8.32
N ASP B 353 -14.36 15.10 8.62
CA ASP B 353 -13.54 15.71 7.57
C ASP B 353 -12.96 14.68 6.60
N ILE B 354 -12.51 13.52 7.11
CA ILE B 354 -11.82 12.60 6.22
C ILE B 354 -12.82 12.00 5.25
N ARG B 355 -14.07 11.84 5.68
CA ARG B 355 -15.11 11.32 4.79
C ARG B 355 -15.52 12.39 3.77
N ARG B 356 -15.61 13.64 4.20
CA ARG B 356 -15.81 14.75 3.27
C ARG B 356 -14.70 14.85 2.22
N GLN B 357 -13.44 14.68 2.63
CA GLN B 357 -12.36 14.83 1.67
C GLN B 357 -12.31 13.68 0.68
N TYR B 358 -12.60 12.47 1.15
CA TYR B 358 -12.64 11.34 0.25
C TYR B 358 -13.75 11.50 -0.79
N ASN B 359 -14.98 11.76 -0.32
CA ASN B 359 -16.09 12.10 -1.19
C ASN B 359 -15.72 13.14 -2.26
N ASN B 360 -15.13 14.27 -1.86
CA ASN B 360 -14.75 15.29 -2.86
C ASN B 360 -13.84 14.73 -3.93
N LEU B 361 -12.91 13.83 -3.56
CA LEU B 361 -11.95 13.32 -4.53
C LEU B 361 -12.61 12.35 -5.49
N LEU B 362 -13.41 11.42 -4.97
CA LEU B 362 -14.20 10.57 -5.85
C LEU B 362 -15.04 11.44 -6.78
N ALA B 363 -15.68 12.46 -6.21
CA ALA B 363 -16.51 13.34 -7.01
C ALA B 363 -15.68 14.06 -8.07
N THR B 364 -14.46 14.50 -7.73
CA THR B 364 -13.59 15.15 -8.70
C THR B 364 -13.29 14.20 -9.85
N ILE B 365 -12.97 12.95 -9.52
CA ILE B 365 -12.67 11.99 -10.57
C ILE B 365 -13.91 11.81 -11.41
N ALA B 366 -15.06 11.71 -10.77
CA ALA B 366 -16.31 11.55 -11.50
C ALA B 366 -16.60 12.74 -12.42
N LYS B 367 -16.48 13.98 -11.92
CA LYS B 367 -16.81 15.14 -12.74
C LYS B 367 -15.89 15.30 -13.93
N GLY B 368 -14.61 15.01 -13.78
CA GLY B 368 -13.61 15.44 -14.73
C GLY B 368 -13.16 14.36 -15.68
N ASP B 369 -12.04 14.61 -16.32
CA ASP B 369 -11.62 13.87 -17.49
C ASP B 369 -10.34 13.10 -17.21
N LEU B 370 -10.19 12.58 -16.00
CA LEU B 370 -8.93 11.91 -15.70
C LEU B 370 -8.71 10.68 -16.57
N LEU B 371 -9.76 9.95 -16.93
CA LEU B 371 -9.56 8.69 -17.65
C LEU B 371 -8.97 8.96 -19.02
N SER B 372 -9.58 9.87 -19.78
CA SER B 372 -9.04 10.27 -21.06
C SER B 372 -7.60 10.72 -20.92
N PHE B 373 -7.32 11.52 -19.89
CA PHE B 373 -5.99 12.08 -19.71
C PHE B 373 -4.99 10.97 -19.50
N ILE B 374 -5.38 9.91 -18.79
CA ILE B 374 -4.43 8.84 -18.58
C ILE B 374 -4.40 7.90 -19.77
N MET B 375 -5.54 7.58 -20.36
CA MET B 375 -5.51 6.61 -21.45
C MET B 375 -4.69 7.12 -22.62
N SER B 376 -4.78 8.42 -22.89
CA SER B 376 -4.02 9.03 -23.96
C SER B 376 -2.52 8.76 -23.78
N GLN B 377 -2.02 8.83 -22.55
CA GLN B 377 -0.60 8.56 -22.36
C GLN B 377 -0.26 7.08 -22.52
N VAL B 378 -1.15 6.20 -22.10
CA VAL B 378 -0.89 4.76 -22.19
C VAL B 378 -0.79 4.31 -23.63
N ILE B 379 -1.76 4.67 -24.45
CA ILE B 379 -1.83 4.19 -25.84
C ILE B 379 -1.08 5.05 -26.84
N GLY B 380 -0.60 6.21 -26.45
CA GLY B 380 0.24 7.00 -27.31
C GLY B 380 -0.46 7.93 -28.27
N GLN B 381 -1.74 8.19 -28.09
CA GLN B 381 -2.39 9.16 -28.94
C GLN B 381 -3.60 9.71 -28.19
N GLU B 382 -4.04 10.88 -28.60
CA GLU B 382 -5.18 11.51 -27.97
C GLU B 382 -6.40 10.67 -28.21
N VAL B 383 -7.06 10.27 -27.14
CA VAL B 383 -8.34 9.60 -27.18
C VAL B 383 -9.22 10.37 -26.21
N THR B 384 -10.53 10.22 -26.35
CA THR B 384 -11.47 10.75 -25.36
C THR B 384 -12.53 9.71 -25.03
N ILE B 385 -12.64 9.37 -23.75
CA ILE B 385 -13.71 8.55 -23.23
C ILE B 385 -14.74 9.46 -22.57
N GLY B 386 -16.02 9.18 -22.80
CA GLY B 386 -17.08 10.00 -22.25
C GLY B 386 -17.68 9.37 -21.01
N LYS B 387 -18.35 10.20 -20.21
CA LYS B 387 -19.11 9.69 -19.08
C LYS B 387 -20.39 9.03 -19.54
N LEU B 388 -20.76 7.93 -18.89
CA LEU B 388 -22.03 7.29 -19.24
C LEU B 388 -23.16 8.05 -18.55
N ASP B 389 -22.89 8.64 -17.40
CA ASP B 389 -23.78 9.61 -16.74
C ASP B 389 -22.94 10.78 -16.27
N PRO B 390 -22.89 11.87 -17.04
CA PRO B 390 -22.05 13.02 -16.69
C PRO B 390 -22.49 13.76 -15.43
N THR B 391 -23.61 13.40 -14.79
CA THR B 391 -24.04 14.09 -13.56
C THR B 391 -23.79 13.26 -12.32
N LEU B 392 -23.26 12.04 -12.48
CA LEU B 392 -22.97 11.18 -11.36
C LEU B 392 -22.21 11.93 -10.27
N TRP B 393 -21.27 12.79 -10.68
CA TRP B 393 -20.42 13.50 -9.73
C TRP B 393 -21.23 14.32 -8.74
N GLU B 394 -22.42 14.78 -9.13
CA GLU B 394 -23.24 15.59 -8.22
C GLU B 394 -23.68 14.79 -7.02
N ASP B 395 -24.05 13.54 -7.25
CA ASP B 395 -24.49 12.65 -6.18
C ASP B 395 -23.32 12.11 -5.37
N VAL B 396 -22.16 12.00 -6.00
CA VAL B 396 -20.98 11.46 -5.34
C VAL B 396 -20.61 12.29 -4.13
N LEU B 397 -20.75 13.61 -4.21
CA LEU B 397 -20.36 14.48 -3.11
C LEU B 397 -21.05 14.15 -1.81
N GLU B 398 -22.27 13.64 -1.89
CA GLU B 398 -23.19 13.44 -0.78
C GLU B 398 -23.33 11.98 -0.36
N THR B 399 -22.59 11.08 -1.00
CA THR B 399 -22.71 9.64 -0.77
C THR B 399 -22.35 9.26 0.67
N GLU B 400 -22.89 8.14 1.14
CA GLU B 400 -22.90 7.87 2.56
C GLU B 400 -21.80 6.92 3.04
N TYR B 401 -21.56 5.79 2.35
CA TYR B 401 -20.69 4.73 2.86
C TYR B 401 -19.44 4.48 2.01
N ALA B 402 -19.00 5.48 1.25
CA ALA B 402 -17.76 5.35 0.47
C ALA B 402 -16.62 4.86 1.34
N LEU B 403 -16.42 5.50 2.48
CA LEU B 403 -15.60 4.94 3.55
C LEU B 403 -16.57 4.37 4.58
N SER B 404 -16.30 3.15 5.05
CA SER B 404 -17.13 2.49 6.05
C SER B 404 -16.31 1.84 7.15
#